data_4KQX
#
_entry.id   4KQX
#
_cell.length_a   49.985
_cell.length_b   105.346
_cell.length_c   122.357
_cell.angle_alpha   90.00
_cell.angle_beta   90.00
_cell.angle_gamma   90.00
#
_symmetry.space_group_name_H-M   'P 21 21 21'
#
loop_
_entity.id
_entity.type
_entity.pdbx_description
1 polymer 'Ketol-acid reductoisomerase'
2 non-polymer NICOTINAMIDE-ADENINE-DINUCLEOTIDE
3 non-polymer 'N-HYDROXY-N-ISOPROPYLOXAMIC ACID'
4 non-polymer 'MAGNESIUM ION'
5 non-polymer HISTIDINE
6 water water
#
_entity_poly.entity_id   1
_entity_poly.type   'polypeptide(L)'
_entity_poly.pdbx_seq_one_letter_code
;MSVKTKEKEMAVTILYEQDVDPKVIQGLKVGIIGYGSQGHAHALNLMDSGVDVRVGLREGDSDWKTAEEAGLKVTDMDTA
AEEADVIMVLVPDEVQPKVYQEHIAAHLKAGNTLAFAHGFNIHYGYIVPPEDVNVIMCAPKGPGHIVRRQFTEGSGVPDL
ACVQQDATGNAWDIVLSYCWGVGGARSGIIKATFAEETEEDLFGEQAVLCGGLVELVKAGFETLTEAGYPPELAYFECYH
EMKMIVDLMYESGIHFMNYSISNTAEYGEYYAGPKVINEQSREAMKEILKRIQDGSFAQEFVDDCNNGHKRLLEQREAIN
THPIETTGAQIRSMFSWIKKEDLEHHHHHH
;
_entity_poly.pdbx_strand_id   A,B
#
loop_
_chem_comp.id
_chem_comp.type
_chem_comp.name
_chem_comp.formula
HIO non-polymer 'N-HYDROXY-N-ISOPROPYLOXAMIC ACID' 'C5 H9 N O4'
MG non-polymer 'MAGNESIUM ION' 'Mg 2'
NAD non-polymer NICOTINAMIDE-ADENINE-DINUCLEOTIDE 'C21 H27 N7 O14 P2'
#
# COMPACT_ATOMS: atom_id res chain seq x y z
N ILE A 14 15.44 -6.83 18.17
CA ILE A 14 15.38 -5.53 17.46
C ILE A 14 15.93 -4.36 18.32
N LEU A 15 16.78 -3.54 17.71
CA LEU A 15 17.38 -2.37 18.39
C LEU A 15 16.70 -1.04 18.11
N TYR A 16 16.74 -0.15 19.09
CA TYR A 16 16.08 1.15 19.05
C TYR A 16 17.06 2.27 19.48
N GLU A 17 16.54 3.47 19.62
CA GLU A 17 17.34 4.64 20.01
C GLU A 17 18.24 4.48 21.25
N GLN A 18 17.74 3.81 22.28
CA GLN A 18 18.56 3.59 23.48
C GLN A 18 19.71 2.60 23.23
N ASP A 19 19.66 1.86 22.12
CA ASP A 19 20.66 0.84 21.89
C ASP A 19 21.85 1.33 21.05
N VAL A 20 21.84 2.61 20.65
CA VAL A 20 22.84 3.11 19.67
C VAL A 20 23.38 4.41 20.16
N ASP A 21 24.58 4.76 19.67
CA ASP A 21 25.24 6.00 20.11
C ASP A 21 25.42 6.99 18.94
N PRO A 22 24.57 8.01 18.94
CA PRO A 22 24.57 9.00 17.87
C PRO A 22 25.94 9.62 17.60
N LYS A 23 26.71 9.89 18.69
CA LYS A 23 27.98 10.62 18.65
C LYS A 23 29.00 9.89 17.83
N VAL A 24 28.86 8.59 17.76
CA VAL A 24 29.81 7.89 16.93
C VAL A 24 29.84 8.40 15.47
N ILE A 25 28.67 8.44 14.80
CA ILE A 25 28.63 8.87 13.40
C ILE A 25 28.70 10.40 13.40
N GLN A 26 28.27 11.06 14.47
CA GLN A 26 28.41 12.49 14.45
C GLN A 26 29.91 12.88 14.42
N GLY A 27 30.83 12.03 14.90
CA GLY A 27 32.28 12.35 14.82
C GLY A 27 33.03 11.84 13.59
N LEU A 28 32.31 11.20 12.67
CA LEU A 28 32.98 10.66 11.46
C LEU A 28 32.59 11.45 10.21
N LYS A 29 33.48 11.47 9.21
CA LYS A 29 33.17 12.17 7.96
C LYS A 29 32.65 11.13 7.02
N VAL A 30 31.47 11.38 6.47
CA VAL A 30 30.88 10.35 5.61
C VAL A 30 30.93 10.85 4.18
N GLY A 31 31.31 9.98 3.25
CA GLY A 31 31.23 10.31 1.86
C GLY A 31 30.23 9.39 1.15
N ILE A 32 29.14 9.98 0.66
CA ILE A 32 28.10 9.24 -0.06
C ILE A 32 28.47 9.24 -1.52
N ILE A 33 28.70 8.08 -2.09
CA ILE A 33 29.05 8.01 -3.52
C ILE A 33 27.72 7.72 -4.27
N GLY A 34 27.27 8.65 -5.12
CA GLY A 34 25.94 8.50 -5.82
C GLY A 34 24.97 9.47 -5.20
N TYR A 35 23.94 9.87 -5.96
CA TYR A 35 22.91 10.76 -5.39
C TYR A 35 21.59 10.34 -6.03
N GLY A 36 21.32 9.03 -6.05
CA GLY A 36 20.07 8.53 -6.65
C GLY A 36 19.06 8.31 -5.53
N SER A 37 18.37 7.18 -5.55
CA SER A 37 17.25 7.01 -4.60
C SER A 37 17.73 6.94 -3.16
N GLN A 38 18.62 5.99 -2.87
CA GLN A 38 19.28 5.93 -1.55
C GLN A 38 20.18 7.14 -1.23
N GLY A 39 21.01 7.53 -2.22
CA GLY A 39 22.08 8.54 -1.94
C GLY A 39 21.47 9.79 -1.38
N HIS A 40 20.42 10.33 -2.02
CA HIS A 40 19.89 11.59 -1.47
C HIS A 40 19.33 11.42 -0.11
N ALA A 41 18.68 10.28 0.17
CA ALA A 41 18.05 10.12 1.51
C ALA A 41 19.13 9.96 2.58
N HIS A 42 20.11 9.12 2.30
CA HIS A 42 21.27 8.94 3.22
C HIS A 42 21.99 10.25 3.43
N ALA A 43 22.42 10.88 2.31
CA ALA A 43 23.06 12.21 2.42
C ALA A 43 22.24 13.20 3.28
N LEU A 44 20.95 13.37 2.97
CA LEU A 44 20.18 14.45 3.64
C LEU A 44 19.85 14.13 5.09
N ASN A 45 19.52 12.86 5.35
CA ASN A 45 19.19 12.41 6.69
C ASN A 45 20.50 12.54 7.54
N LEU A 46 21.61 12.05 6.98
CA LEU A 46 22.89 12.21 7.68
C LEU A 46 23.20 13.66 8.00
N MET A 47 23.09 14.57 7.03
CA MET A 47 23.37 16.00 7.33
C MET A 47 22.43 16.55 8.35
N ASP A 48 21.12 16.29 8.21
CA ASP A 48 20.11 16.73 9.22
C ASP A 48 20.42 16.24 10.67
N SER A 49 21.11 15.11 10.73
CA SER A 49 21.41 14.43 12.00
C SER A 49 22.75 14.98 12.60
N GLY A 50 23.24 16.12 12.10
CA GLY A 50 24.58 16.65 12.47
C GLY A 50 25.77 15.83 11.94
N VAL A 51 25.67 15.17 10.81
CA VAL A 51 26.86 14.44 10.34
C VAL A 51 27.63 15.26 9.24
N ASP A 52 28.96 15.15 9.16
CA ASP A 52 29.73 15.87 8.14
C ASP A 52 29.73 15.02 6.89
N VAL A 53 28.96 15.47 5.90
CA VAL A 53 28.74 14.65 4.71
C VAL A 53 29.27 15.28 3.43
N ARG A 54 29.77 14.47 2.49
CA ARG A 54 29.94 15.02 1.17
C ARG A 54 29.47 13.98 0.20
N VAL A 55 28.92 14.43 -0.91
CA VAL A 55 28.45 13.55 -1.96
C VAL A 55 29.49 13.56 -3.09
N GLY A 56 29.77 12.39 -3.66
CA GLY A 56 30.83 12.24 -4.63
C GLY A 56 30.12 11.90 -5.90
N LEU A 57 30.25 12.78 -6.89
CA LEU A 57 29.58 12.60 -8.15
C LEU A 57 30.52 12.78 -9.30
N ARG A 58 30.11 12.28 -10.46
CA ARG A 58 30.82 12.58 -11.68
C ARG A 58 30.61 14.00 -12.21
N GLU A 59 31.65 14.52 -12.88
CA GLU A 59 31.44 15.65 -13.78
C GLU A 59 30.36 15.34 -14.82
N GLY A 60 29.46 16.31 -15.04
CA GLY A 60 28.34 16.18 -16.00
C GLY A 60 27.08 15.47 -15.52
N ASP A 61 26.95 15.30 -14.20
CA ASP A 61 25.84 14.61 -13.60
C ASP A 61 24.82 15.70 -13.30
N SER A 62 23.61 15.55 -13.83
CA SER A 62 22.57 16.57 -13.67
C SER A 62 22.15 16.80 -12.25
N ASP A 63 22.42 15.86 -11.36
CA ASP A 63 21.98 16.05 -9.99
C ASP A 63 22.93 16.83 -9.17
N TRP A 64 24.09 17.16 -9.75
CA TRP A 64 25.12 17.92 -9.06
C TRP A 64 24.51 19.17 -8.52
N LYS A 65 23.81 19.94 -9.37
CA LYS A 65 23.22 21.19 -8.89
C LYS A 65 22.12 20.96 -7.83
N THR A 66 21.35 19.88 -8.00
CA THR A 66 20.23 19.56 -7.10
C THR A 66 20.72 19.28 -5.68
N ALA A 67 21.70 18.36 -5.63
CA ALA A 67 22.36 17.98 -4.38
C ALA A 67 22.89 19.25 -3.76
N GLU A 68 23.56 20.07 -4.58
CA GLU A 68 24.01 21.39 -4.10
C GLU A 68 22.92 22.31 -3.56
N GLU A 69 21.79 22.47 -4.28
CA GLU A 69 20.66 23.30 -3.82
C GLU A 69 20.06 22.80 -2.51
N ALA A 70 20.11 21.47 -2.32
CA ALA A 70 19.72 20.81 -1.07
C ALA A 70 20.60 21.24 0.11
N GLY A 71 21.72 21.93 -0.13
CA GLY A 71 22.60 22.37 0.98
C GLY A 71 23.77 21.46 1.34
N LEU A 72 24.14 20.52 0.46
CA LEU A 72 25.24 19.56 0.66
C LEU A 72 26.52 19.96 -0.09
N LYS A 73 27.65 19.53 0.44
CA LYS A 73 28.92 19.68 -0.22
C LYS A 73 28.92 18.59 -1.21
N VAL A 74 29.21 18.96 -2.44
CA VAL A 74 29.35 17.97 -3.47
C VAL A 74 30.76 18.10 -4.07
N THR A 75 31.43 16.99 -4.42
CA THR A 75 32.74 17.07 -5.01
C THR A 75 32.84 15.83 -5.90
N ASP A 76 33.96 15.58 -6.54
CA ASP A 76 34.09 14.36 -7.38
C ASP A 76 34.22 13.10 -6.50
N MET A 77 34.12 11.93 -7.11
CA MET A 77 34.10 10.72 -6.32
C MET A 77 35.43 10.47 -5.64
N ASP A 78 36.53 10.63 -6.38
CA ASP A 78 37.86 10.45 -5.78
C ASP A 78 38.10 11.29 -4.52
N THR A 79 37.70 12.57 -4.56
CA THR A 79 37.86 13.47 -3.44
C THR A 79 36.97 13.04 -2.29
N ALA A 80 35.71 12.72 -2.59
CA ALA A 80 34.83 12.29 -1.51
C ALA A 80 35.40 11.03 -0.86
N ALA A 81 35.80 10.05 -1.65
CA ALA A 81 36.43 8.89 -1.06
C ALA A 81 37.64 9.24 -0.11
N GLU A 82 38.48 10.17 -0.57
CA GLU A 82 39.76 10.48 0.06
C GLU A 82 39.48 11.19 1.36
N GLU A 83 38.51 12.09 1.32
CA GLU A 83 38.13 12.89 2.51
C GLU A 83 37.40 12.08 3.58
N ALA A 84 36.81 10.96 3.17
CA ALA A 84 35.87 10.28 4.06
C ALA A 84 36.50 9.24 4.99
N ASP A 85 36.06 9.26 6.27
CA ASP A 85 36.22 8.17 7.25
C ASP A 85 35.29 6.97 6.87
N VAL A 86 34.03 7.29 6.52
CA VAL A 86 33.08 6.28 6.05
C VAL A 86 32.57 6.57 4.64
N ILE A 87 32.80 5.62 3.73
CA ILE A 87 32.45 5.75 2.33
C ILE A 87 31.29 4.78 2.01
N MET A 88 30.12 5.35 1.79
CA MET A 88 28.84 4.60 1.48
C MET A 88 28.55 4.55 -0.05
N VAL A 89 28.59 3.36 -0.61
CA VAL A 89 28.46 3.21 -2.05
C VAL A 89 26.94 3.13 -2.32
N LEU A 90 26.40 4.19 -2.99
CA LEU A 90 24.96 4.30 -3.34
C LEU A 90 24.78 4.55 -4.86
N VAL A 91 25.40 3.67 -5.65
CA VAL A 91 25.25 3.67 -7.11
C VAL A 91 24.72 2.28 -7.45
N PRO A 92 24.19 2.09 -8.64
CA PRO A 92 23.61 0.81 -8.96
C PRO A 92 24.56 -0.39 -8.71
N ASP A 93 24.02 -1.42 -8.07
CA ASP A 93 24.80 -2.57 -7.70
C ASP A 93 25.70 -3.05 -8.87
N GLU A 94 25.22 -2.92 -10.10
CA GLU A 94 25.95 -3.57 -11.20
C GLU A 94 27.26 -2.78 -11.61
N VAL A 95 27.37 -1.54 -11.15
CA VAL A 95 28.39 -0.56 -11.51
C VAL A 95 29.30 -0.37 -10.26
N GLN A 96 28.91 -0.96 -9.13
CA GLN A 96 29.81 -0.86 -8.00
C GLN A 96 31.23 -1.49 -8.16
N PRO A 97 31.41 -2.65 -8.89
CA PRO A 97 32.80 -3.12 -8.93
C PRO A 97 33.74 -2.19 -9.71
N LYS A 98 33.27 -1.73 -10.88
CA LYS A 98 34.05 -0.81 -11.70
C LYS A 98 34.31 0.50 -10.96
N VAL A 99 33.26 1.10 -10.40
CA VAL A 99 33.35 2.34 -9.60
C VAL A 99 34.24 2.23 -8.35
N TYR A 100 34.11 1.14 -7.62
CA TYR A 100 35.03 0.87 -6.50
C TYR A 100 36.54 0.96 -6.89
N GLN A 101 36.95 0.13 -7.86
CA GLN A 101 38.30 0.03 -8.44
C GLN A 101 38.84 1.32 -9.04
N GLU A 102 37.97 2.11 -9.66
CA GLU A 102 38.41 3.31 -10.36
C GLU A 102 38.37 4.58 -9.52
N HIS A 103 37.60 4.61 -8.46
CA HIS A 103 37.38 5.87 -7.70
C HIS A 103 37.31 5.74 -6.23
N ILE A 104 37.43 4.52 -5.73
CA ILE A 104 37.24 4.32 -4.26
C ILE A 104 38.48 3.66 -3.60
N ALA A 105 38.84 2.52 -4.18
CA ALA A 105 39.87 1.63 -3.67
C ALA A 105 41.15 2.37 -3.26
N ALA A 106 41.65 3.24 -4.13
CA ALA A 106 42.93 3.88 -3.94
C ALA A 106 42.86 4.93 -2.84
N HIS A 107 41.63 5.26 -2.39
CA HIS A 107 41.42 6.28 -1.35
C HIS A 107 41.11 5.70 0.00
N LEU A 108 41.13 4.36 0.05
CA LEU A 108 40.92 3.64 1.31
C LEU A 108 42.25 3.53 2.14
N LYS A 109 42.25 4.12 3.34
CA LYS A 109 43.36 4.05 4.33
C LYS A 109 42.98 3.00 5.37
N ALA A 110 43.97 2.39 6.02
CA ALA A 110 43.69 1.54 7.21
C ALA A 110 42.80 2.24 8.24
N GLY A 111 41.75 1.57 8.72
CA GLY A 111 40.87 2.25 9.73
C GLY A 111 39.64 2.98 9.13
N ASN A 112 39.60 3.06 7.79
CA ASN A 112 38.43 3.57 7.04
C ASN A 112 37.31 2.50 7.04
N THR A 113 36.05 2.93 6.79
CA THR A 113 34.87 2.02 6.71
C THR A 113 34.30 2.09 5.28
N LEU A 114 34.26 0.97 4.55
CA LEU A 114 33.58 0.80 3.25
C LEU A 114 32.14 0.25 3.51
N ALA A 115 31.11 1.02 3.13
CA ALA A 115 29.73 0.76 3.59
C ALA A 115 28.81 0.57 2.39
N PHE A 116 27.78 -0.22 2.59
CA PHE A 116 26.83 -0.51 1.52
C PHE A 116 25.46 -0.40 2.07
N ALA A 117 24.48 -0.36 1.19
CA ALA A 117 23.07 -0.49 1.59
C ALA A 117 22.39 -1.79 1.09
N HIS A 118 23.17 -2.68 0.49
CA HIS A 118 22.66 -3.99 -0.02
C HIS A 118 23.90 -4.82 -0.04
N GLY A 119 23.82 -6.04 0.44
CA GLY A 119 25.01 -6.84 0.55
C GLY A 119 25.39 -7.55 -0.75
N PHE A 120 24.65 -7.30 -1.83
CA PHE A 120 24.88 -8.01 -3.14
C PHE A 120 26.35 -8.22 -3.64
N ASN A 121 27.06 -7.13 -3.85
CA ASN A 121 28.46 -7.16 -4.30
C ASN A 121 29.45 -7.94 -3.41
N ILE A 122 29.37 -7.65 -2.12
CA ILE A 122 30.28 -8.26 -1.16
C ILE A 122 29.92 -9.71 -0.95
N HIS A 123 28.62 -9.99 -0.84
CA HIS A 123 28.14 -11.34 -0.55
C HIS A 123 28.42 -12.24 -1.73
N TYR A 124 28.16 -11.82 -2.97
CA TYR A 124 28.41 -12.75 -4.15
C TYR A 124 29.86 -12.75 -4.68
N GLY A 125 30.66 -11.91 -4.07
CA GLY A 125 32.10 -11.82 -4.28
C GLY A 125 32.48 -10.92 -5.47
N TYR A 126 31.57 -10.06 -5.93
CA TYR A 126 31.93 -9.12 -6.99
C TYR A 126 32.90 -8.05 -6.52
N ILE A 127 32.94 -7.73 -5.21
CA ILE A 127 33.92 -6.78 -4.69
C ILE A 127 34.57 -7.44 -3.46
N VAL A 128 35.91 -7.44 -3.38
CA VAL A 128 36.60 -8.04 -2.24
C VAL A 128 37.39 -6.92 -1.56
N PRO A 129 36.83 -6.23 -0.56
CA PRO A 129 37.61 -5.10 -0.04
C PRO A 129 39.02 -5.49 0.55
N PRO A 130 39.93 -4.50 0.76
CA PRO A 130 41.19 -4.82 1.50
C PRO A 130 40.88 -5.38 2.89
N GLU A 131 41.86 -6.08 3.46
CA GLU A 131 41.69 -6.76 4.73
C GLU A 131 41.82 -5.76 5.87
N ASP A 132 42.13 -4.50 5.57
CA ASP A 132 42.42 -3.57 6.70
C ASP A 132 41.42 -2.44 6.92
N VAL A 133 40.29 -2.53 6.22
CA VAL A 133 39.12 -1.65 6.47
C VAL A 133 37.89 -2.41 7.03
N ASN A 134 37.07 -1.69 7.79
CA ASN A 134 35.71 -2.14 8.10
C ASN A 134 34.86 -2.34 6.81
N VAL A 135 33.97 -3.34 6.81
CA VAL A 135 33.04 -3.55 5.72
C VAL A 135 31.70 -3.78 6.41
N ILE A 136 30.82 -2.78 6.26
CA ILE A 136 29.53 -2.75 6.88
C ILE A 136 28.40 -2.50 5.84
N MET A 137 27.17 -2.73 6.29
CA MET A 137 25.97 -2.37 5.57
C MET A 137 24.91 -1.77 6.53
N CYS A 138 24.34 -0.62 6.12
CA CYS A 138 23.06 -0.15 6.64
C CYS A 138 22.08 -0.24 5.49
N ALA A 139 21.25 -1.30 5.48
CA ALA A 139 20.21 -1.55 4.42
C ALA A 139 18.81 -1.11 4.87
N PRO A 140 18.34 0.09 4.44
CA PRO A 140 16.96 0.50 4.80
C PRO A 140 15.98 -0.38 4.05
N LYS A 141 14.99 -0.84 4.84
CA LYS A 141 13.96 -1.73 4.27
C LYS A 141 12.88 -0.91 3.52
N GLY A 142 13.29 -0.05 2.61
CA GLY A 142 12.29 0.90 1.99
C GLY A 142 12.90 1.73 0.89
N PRO A 143 12.09 2.20 -0.08
CA PRO A 143 12.63 3.00 -1.20
C PRO A 143 13.23 4.30 -0.67
N GLY A 144 14.32 4.80 -1.30
CA GLY A 144 14.99 6.05 -0.83
C GLY A 144 14.12 7.29 -0.68
N HIS A 145 13.22 7.54 -1.63
CA HIS A 145 12.33 8.70 -1.41
C HIS A 145 11.59 8.71 -0.09
N ILE A 146 11.21 7.51 0.35
CA ILE A 146 10.48 7.30 1.57
C ILE A 146 11.40 7.26 2.79
N VAL A 147 12.56 6.60 2.64
CA VAL A 147 13.65 6.73 3.65
C VAL A 147 13.81 8.20 3.99
N ARG A 148 13.90 9.05 2.95
CA ARG A 148 13.90 10.53 3.20
C ARG A 148 12.59 11.06 3.80
N ARG A 149 11.46 10.77 3.15
CA ARG A 149 10.21 11.39 3.67
C ARG A 149 9.86 10.99 5.13
N GLN A 150 9.99 9.71 5.47
CA GLN A 150 9.64 9.31 6.83
C GLN A 150 10.57 9.97 7.81
N PHE A 151 11.84 10.06 7.43
CA PHE A 151 12.79 10.76 8.28
C PHE A 151 12.31 12.18 8.53
N THR A 152 11.99 12.93 7.47
CA THR A 152 11.52 14.32 7.69
C THR A 152 10.19 14.42 8.46
N GLU A 153 9.34 13.42 8.28
CA GLU A 153 8.12 13.40 9.12
C GLU A 153 8.26 13.00 10.61
N GLY A 154 9.45 12.61 11.08
CA GLY A 154 9.63 12.21 12.51
C GLY A 154 9.50 10.69 12.71
N SER A 155 9.41 9.97 11.60
CA SER A 155 9.42 8.51 11.60
C SER A 155 10.75 8.02 10.96
N GLY A 156 10.82 6.76 10.50
CA GLY A 156 12.06 6.34 9.92
C GLY A 156 11.89 4.94 9.39
N VAL A 157 12.53 4.69 8.28
CA VAL A 157 12.47 3.38 7.62
C VAL A 157 13.41 2.37 8.35
N PRO A 158 13.05 1.06 8.44
CA PRO A 158 13.90 0.18 9.27
C PRO A 158 15.11 -0.29 8.54
N ASP A 159 16.20 -0.55 9.30
CA ASP A 159 17.44 -1.04 8.65
C ASP A 159 17.89 -2.35 9.21
N LEU A 160 18.46 -3.13 8.31
CA LEU A 160 19.39 -4.16 8.70
C LEU A 160 20.80 -3.55 8.86
N ALA A 161 21.42 -3.76 10.02
CA ALA A 161 22.83 -3.44 10.26
C ALA A 161 23.67 -4.77 10.15
N CYS A 162 24.69 -4.78 9.28
CA CYS A 162 25.59 -5.94 9.05
C CYS A 162 27.10 -5.55 9.05
N VAL A 163 27.97 -6.51 9.43
CA VAL A 163 29.43 -6.24 9.52
C VAL A 163 30.10 -7.44 8.96
N GLN A 164 30.62 -7.30 7.75
CA GLN A 164 31.30 -8.40 7.08
C GLN A 164 32.77 -8.51 7.53
N GLN A 165 33.39 -7.37 7.81
CA GLN A 165 34.83 -7.29 8.26
C GLN A 165 34.88 -6.26 9.35
N ASP A 166 35.31 -6.64 10.55
CA ASP A 166 35.50 -5.66 11.62
C ASP A 166 37.05 -5.50 11.78
N ALA A 167 37.66 -4.69 10.92
CA ALA A 167 39.10 -4.31 11.01
C ALA A 167 39.41 -3.45 12.24
N THR A 168 38.55 -2.51 12.61
CA THR A 168 38.88 -1.64 13.73
C THR A 168 38.43 -2.10 15.08
N GLY A 169 37.64 -3.18 15.16
CA GLY A 169 37.06 -3.60 16.45
C GLY A 169 35.83 -2.80 16.95
N ASN A 170 35.45 -1.75 16.23
CA ASN A 170 34.24 -0.95 16.65
C ASN A 170 33.31 -0.70 15.43
N ALA A 171 33.46 -1.56 14.41
CA ALA A 171 32.58 -1.52 13.27
C ALA A 171 31.10 -1.57 13.68
N TRP A 172 30.75 -2.36 14.72
CA TRP A 172 29.33 -2.40 15.20
C TRP A 172 28.82 -1.09 15.69
N ASP A 173 29.63 -0.38 16.47
CA ASP A 173 29.22 0.94 16.95
C ASP A 173 29.05 1.91 15.76
N ILE A 174 29.81 1.67 14.68
CA ILE A 174 29.78 2.62 13.56
C ILE A 174 28.53 2.32 12.71
N VAL A 175 28.24 1.06 12.41
CA VAL A 175 27.08 0.71 11.58
C VAL A 175 25.77 1.02 12.27
N LEU A 176 25.74 0.90 13.59
CA LEU A 176 24.56 1.18 14.37
C LEU A 176 24.29 2.68 14.60
N SER A 177 25.36 3.49 14.74
CA SER A 177 25.22 4.95 14.81
C SER A 177 24.75 5.52 13.45
N TYR A 178 25.16 4.82 12.37
CA TYR A 178 24.83 5.26 11.03
C TYR A 178 23.28 5.05 10.83
N CYS A 179 22.78 3.84 11.13
CA CYS A 179 21.36 3.51 11.10
C CYS A 179 20.63 4.60 11.90
N TRP A 180 21.16 4.94 13.04
CA TRP A 180 20.53 6.03 13.78
C TRP A 180 20.47 7.25 12.85
N GLY A 181 21.61 7.57 12.20
CA GLY A 181 21.73 8.73 11.30
C GLY A 181 20.67 8.89 10.23
N VAL A 182 20.15 7.74 9.78
CA VAL A 182 19.29 7.61 8.60
C VAL A 182 17.84 7.21 8.97
N GLY A 183 17.54 7.25 10.28
CA GLY A 183 16.19 7.07 10.79
C GLY A 183 15.80 5.67 11.28
N GLY A 184 16.71 4.70 11.15
CA GLY A 184 16.49 3.32 11.46
C GLY A 184 16.07 2.99 12.88
N ALA A 185 16.72 3.61 13.85
CA ALA A 185 16.38 3.39 15.27
C ALA A 185 14.94 3.81 15.63
N ARG A 186 14.30 4.56 14.74
CA ARG A 186 12.93 4.97 15.03
C ARG A 186 11.89 3.85 14.96
N SER A 187 12.13 2.91 14.06
CA SER A 187 11.17 1.87 13.72
C SER A 187 11.83 0.50 13.95
N GLY A 188 13.16 0.46 13.82
CA GLY A 188 13.88 -0.71 14.27
C GLY A 188 15.08 -1.11 13.49
N ILE A 189 16.16 -1.49 14.18
CA ILE A 189 17.34 -2.11 13.50
C ILE A 189 17.48 -3.60 13.82
N ILE A 190 17.66 -4.41 12.79
CA ILE A 190 17.94 -5.82 13.00
C ILE A 190 19.41 -6.09 12.58
N LYS A 191 20.19 -6.69 13.47
CA LYS A 191 21.53 -7.17 13.15
C LYS A 191 21.37 -8.32 12.24
N ALA A 192 22.08 -8.34 11.11
CA ALA A 192 21.99 -9.45 10.13
C ALA A 192 23.36 -9.73 9.49
N THR A 193 23.53 -10.83 8.74
CA THR A 193 24.78 -10.98 8.00
C THR A 193 24.55 -10.45 6.57
N PHE A 194 25.62 -10.21 5.83
CA PHE A 194 25.55 -9.82 4.40
C PHE A 194 24.81 -10.89 3.60
N ALA A 195 25.01 -12.17 3.95
CA ALA A 195 24.32 -13.27 3.26
C ALA A 195 22.78 -13.16 3.44
N GLU A 196 22.39 -12.88 4.68
CA GLU A 196 21.00 -12.85 5.09
C GLU A 196 20.27 -11.66 4.42
N GLU A 197 20.83 -10.43 4.51
CA GLU A 197 20.24 -9.23 3.89
C GLU A 197 20.14 -9.51 2.41
N THR A 198 21.25 -9.94 1.86
CA THR A 198 21.20 -10.10 0.39
C THR A 198 20.00 -10.94 0.06
N GLU A 199 19.89 -12.10 0.70
CA GLU A 199 18.90 -13.10 0.29
C GLU A 199 17.43 -12.65 0.55
N GLU A 200 17.16 -12.09 1.74
CA GLU A 200 15.82 -11.66 2.06
C GLU A 200 15.41 -10.44 1.22
N ASP A 201 16.33 -9.59 0.84
CA ASP A 201 16.01 -8.37 0.08
C ASP A 201 15.67 -8.69 -1.40
N LEU A 202 16.48 -9.54 -1.97
CA LEU A 202 16.23 -9.95 -3.35
C LEU A 202 14.84 -10.61 -3.37
N PHE A 203 14.58 -11.47 -2.39
CA PHE A 203 13.31 -12.18 -2.35
C PHE A 203 12.13 -11.23 -2.20
N GLY A 204 12.17 -10.29 -1.25
CA GLY A 204 11.05 -9.37 -1.02
C GLY A 204 10.66 -8.54 -2.23
N GLU A 205 11.65 -8.06 -2.96
CA GLU A 205 11.36 -7.13 -4.04
C GLU A 205 10.86 -7.93 -5.22
N GLN A 206 11.41 -9.13 -5.42
CA GLN A 206 10.96 -9.94 -6.50
C GLN A 206 9.58 -10.52 -6.23
N ALA A 207 9.43 -11.24 -5.11
CA ALA A 207 8.20 -12.01 -4.82
C ALA A 207 6.99 -11.19 -4.47
N VAL A 208 7.18 -10.19 -3.60
CA VAL A 208 6.11 -9.49 -2.99
C VAL A 208 6.03 -8.00 -3.37
N LEU A 209 7.06 -7.23 -3.08
CA LEU A 209 7.01 -5.74 -3.08
C LEU A 209 6.87 -5.11 -4.50
N CYS A 210 7.45 -5.78 -5.51
CA CYS A 210 7.61 -5.15 -6.83
C CYS A 210 7.09 -6.13 -7.88
N GLY A 211 7.71 -7.28 -7.95
CA GLY A 211 7.21 -8.23 -8.93
C GLY A 211 5.76 -8.64 -8.63
N GLY A 212 5.56 -9.30 -7.50
CA GLY A 212 4.21 -9.79 -7.09
C GLY A 212 3.14 -8.71 -7.11
N LEU A 213 3.34 -7.63 -6.35
CA LEU A 213 2.43 -6.53 -6.29
C LEU A 213 2.08 -5.93 -7.66
N VAL A 214 3.07 -5.46 -8.38
CA VAL A 214 2.76 -4.81 -9.69
C VAL A 214 2.00 -5.74 -10.56
N GLU A 215 2.50 -6.97 -10.68
CA GLU A 215 1.83 -7.89 -11.61
C GLU A 215 0.39 -8.31 -11.16
N LEU A 216 0.17 -8.37 -9.86
CA LEU A 216 -1.17 -8.56 -9.29
C LEU A 216 -2.17 -7.42 -9.71
N VAL A 217 -1.75 -6.17 -9.52
CA VAL A 217 -2.52 -5.02 -9.91
C VAL A 217 -2.76 -5.00 -11.42
N LYS A 218 -1.74 -5.34 -12.18
CA LYS A 218 -1.84 -5.25 -13.63
C LYS A 218 -2.82 -6.35 -14.08
N ALA A 219 -2.63 -7.58 -13.59
CA ALA A 219 -3.55 -8.71 -13.85
C ALA A 219 -5.04 -8.43 -13.51
N GLY A 220 -5.30 -7.82 -12.36
CA GLY A 220 -6.70 -7.49 -12.08
C GLY A 220 -7.21 -6.39 -12.95
N PHE A 221 -6.40 -5.39 -13.27
CA PHE A 221 -6.81 -4.29 -14.15
C PHE A 221 -7.13 -4.83 -15.55
N GLU A 222 -6.25 -5.66 -16.00
CA GLU A 222 -6.48 -6.30 -17.33
C GLU A 222 -7.68 -7.23 -17.37
N THR A 223 -7.92 -8.01 -16.31
CA THR A 223 -9.13 -8.85 -16.22
C THR A 223 -10.40 -8.00 -16.38
N LEU A 224 -10.52 -6.92 -15.60
CA LEU A 224 -11.63 -6.03 -15.82
C LEU A 224 -11.76 -5.37 -17.17
N THR A 225 -10.69 -4.72 -17.66
CA THR A 225 -10.77 -4.05 -18.98
C THR A 225 -11.06 -5.01 -20.11
N GLU A 226 -10.45 -6.16 -20.06
CA GLU A 226 -10.73 -7.19 -21.02
C GLU A 226 -12.20 -7.69 -20.97
N ALA A 227 -12.84 -7.57 -19.81
CA ALA A 227 -14.24 -7.95 -19.68
C ALA A 227 -15.23 -6.80 -19.95
N GLY A 228 -14.70 -5.63 -20.38
CA GLY A 228 -15.48 -4.53 -20.91
C GLY A 228 -15.72 -3.44 -19.85
N TYR A 229 -15.09 -3.54 -18.68
CA TYR A 229 -15.18 -2.42 -17.72
C TYR A 229 -14.19 -1.32 -18.14
N PRO A 230 -14.59 -0.07 -17.98
CA PRO A 230 -13.75 1.04 -18.40
C PRO A 230 -12.41 1.08 -17.61
N PRO A 231 -11.30 1.43 -18.31
CA PRO A 231 -9.96 1.46 -17.65
C PRO A 231 -9.97 2.43 -16.45
N GLU A 232 -10.78 3.48 -16.50
CA GLU A 232 -10.76 4.45 -15.39
C GLU A 232 -11.27 3.79 -14.18
N LEU A 233 -12.30 2.95 -14.39
CA LEU A 233 -12.95 2.26 -13.29
C LEU A 233 -11.97 1.24 -12.70
N ALA A 234 -11.37 0.44 -13.58
CA ALA A 234 -10.43 -0.47 -13.08
C ALA A 234 -9.26 0.17 -12.28
N TYR A 235 -8.81 1.38 -12.67
CA TYR A 235 -7.66 2.01 -11.99
C TYR A 235 -8.14 2.34 -10.58
N PHE A 236 -9.29 3.00 -10.41
CA PHE A 236 -9.72 3.30 -9.03
C PHE A 236 -9.85 2.04 -8.15
N GLU A 237 -10.35 0.97 -8.75
CA GLU A 237 -10.65 -0.26 -8.03
C GLU A 237 -9.36 -1.03 -7.72
N CYS A 238 -8.60 -1.40 -8.76
CA CYS A 238 -7.40 -2.15 -8.51
C CYS A 238 -6.12 -1.44 -8.04
N TYR A 239 -5.91 -0.19 -8.39
CA TYR A 239 -4.61 0.45 -8.29
C TYR A 239 -4.80 1.49 -7.17
N HIS A 240 -5.65 2.47 -7.37
CA HIS A 240 -5.71 3.65 -6.41
C HIS A 240 -6.07 3.21 -5.04
N GLU A 241 -7.17 2.46 -4.92
CA GLU A 241 -7.57 1.91 -3.65
C GLU A 241 -6.49 1.01 -2.98
N MET A 242 -5.59 0.34 -3.72
CA MET A 242 -4.56 -0.47 -3.00
C MET A 242 -3.85 0.31 -1.85
N LYS A 243 -3.53 1.58 -2.10
CA LYS A 243 -2.88 2.43 -1.05
C LYS A 243 -3.62 2.46 0.25
N MET A 244 -4.94 2.55 0.15
CA MET A 244 -5.80 2.75 1.32
C MET A 244 -5.84 1.46 2.18
N ILE A 245 -5.89 0.30 1.53
CA ILE A 245 -5.92 -1.02 2.16
C ILE A 245 -4.57 -1.29 2.86
N VAL A 246 -3.48 -0.98 2.17
CA VAL A 246 -2.13 -1.16 2.68
C VAL A 246 -1.87 -0.20 3.84
N ASP A 247 -2.35 1.03 3.70
CA ASP A 247 -2.34 1.98 4.87
C ASP A 247 -2.93 1.39 6.17
N LEU A 248 -4.13 0.85 6.14
CA LEU A 248 -4.67 0.24 7.36
C LEU A 248 -3.82 -0.92 7.94
N MET A 249 -3.39 -1.88 7.06
CA MET A 249 -2.48 -2.88 7.53
C MET A 249 -1.23 -2.43 8.14
N TYR A 250 -0.66 -1.33 7.60
CA TYR A 250 0.62 -0.81 8.00
C TYR A 250 0.47 -0.22 9.40
N GLU A 251 -0.67 0.40 9.68
CA GLU A 251 -0.80 1.00 11.01
C GLU A 251 -1.38 0.05 12.08
N SER A 252 -2.30 -0.86 11.71
CA SER A 252 -3.09 -1.64 12.67
C SER A 252 -3.29 -3.10 12.38
N GLY A 253 -2.67 -3.60 11.33
CA GLY A 253 -2.69 -5.09 11.13
C GLY A 253 -3.76 -5.58 10.12
N ILE A 254 -3.49 -6.75 9.50
CA ILE A 254 -4.60 -7.46 8.81
C ILE A 254 -5.91 -7.54 9.56
N HIS A 255 -5.90 -7.66 10.94
CA HIS A 255 -7.13 -7.87 11.68
C HIS A 255 -7.93 -6.56 11.74
N PHE A 256 -7.23 -5.43 11.70
CA PHE A 256 -7.95 -4.18 11.65
C PHE A 256 -8.50 -3.93 10.25
N MET A 257 -7.67 -4.20 9.23
CA MET A 257 -8.10 -3.92 7.87
C MET A 257 -9.32 -4.80 7.57
N ASN A 258 -9.24 -6.07 7.93
CA ASN A 258 -10.35 -7.00 7.67
C ASN A 258 -11.62 -6.62 8.43
N TYR A 259 -11.45 -5.97 9.58
CA TYR A 259 -12.58 -5.46 10.31
C TYR A 259 -13.18 -4.25 9.56
N SER A 260 -12.34 -3.41 8.97
CA SER A 260 -12.80 -2.22 8.24
C SER A 260 -13.61 -2.56 7.05
N ILE A 261 -13.12 -3.53 6.24
CA ILE A 261 -13.85 -3.92 5.10
C ILE A 261 -15.19 -4.66 5.50
N SER A 262 -16.01 -4.85 4.47
CA SER A 262 -17.30 -5.44 4.66
C SER A 262 -17.08 -6.97 4.88
N ASN A 263 -18.05 -7.61 5.54
CA ASN A 263 -17.99 -9.05 5.67
C ASN A 263 -18.05 -9.65 4.26
N THR A 264 -18.69 -8.98 3.31
CA THR A 264 -18.75 -9.48 1.90
C THR A 264 -17.34 -9.56 1.38
N ALA A 265 -16.61 -8.45 1.54
CA ALA A 265 -15.20 -8.35 1.08
C ALA A 265 -14.31 -9.34 1.87
N GLU A 266 -14.50 -9.40 3.20
CA GLU A 266 -13.70 -10.30 4.01
C GLU A 266 -13.91 -11.75 3.55
N TYR A 267 -15.16 -12.17 3.33
CA TYR A 267 -15.47 -13.53 2.84
C TYR A 267 -14.76 -13.72 1.52
N GLY A 268 -14.90 -12.72 0.65
CA GLY A 268 -14.33 -12.78 -0.71
C GLY A 268 -12.82 -12.93 -0.65
N GLU A 269 -12.17 -12.26 0.30
CA GLU A 269 -10.70 -12.42 0.53
C GLU A 269 -10.26 -13.88 0.81
N TYR A 270 -10.97 -14.54 1.74
CA TYR A 270 -10.57 -15.88 2.21
C TYR A 270 -10.80 -16.88 1.09
N TYR A 271 -11.82 -16.59 0.26
CA TYR A 271 -12.25 -17.45 -0.75
C TYR A 271 -11.36 -17.24 -1.98
N ALA A 272 -11.08 -15.97 -2.35
CA ALA A 272 -10.37 -15.70 -3.60
C ALA A 272 -8.85 -15.65 -3.37
N GLY A 273 -8.36 -15.19 -2.19
CA GLY A 273 -6.88 -15.11 -1.97
C GLY A 273 -6.07 -16.35 -2.49
N PRO A 274 -6.44 -17.58 -2.04
CA PRO A 274 -5.68 -18.76 -2.41
C PRO A 274 -5.90 -19.22 -3.82
N LYS A 275 -6.89 -18.67 -4.54
CA LYS A 275 -7.01 -19.00 -5.97
C LYS A 275 -6.05 -18.12 -6.77
N VAL A 276 -5.89 -16.87 -6.34
CA VAL A 276 -5.06 -15.91 -7.04
C VAL A 276 -3.55 -16.11 -6.68
N ILE A 277 -3.23 -16.15 -5.36
CA ILE A 277 -1.91 -16.47 -4.83
C ILE A 277 -1.98 -17.97 -4.49
N ASN A 278 -1.77 -18.79 -5.53
CA ASN A 278 -2.11 -20.20 -5.42
C ASN A 278 -0.90 -21.13 -5.06
N GLU A 279 -1.11 -22.41 -5.02
CA GLU A 279 -0.01 -23.30 -4.68
C GLU A 279 1.15 -23.23 -5.68
N GLN A 280 0.84 -22.90 -6.93
CA GLN A 280 1.94 -22.64 -7.84
C GLN A 280 2.67 -21.36 -7.52
N SER A 281 1.97 -20.35 -6.99
CA SER A 281 2.62 -19.07 -6.68
C SER A 281 3.58 -19.24 -5.47
N ARG A 282 3.14 -20.06 -4.52
CA ARG A 282 4.01 -20.49 -3.44
C ARG A 282 5.20 -21.29 -3.93
N GLU A 283 5.05 -22.19 -4.93
CA GLU A 283 6.24 -22.93 -5.40
C GLU A 283 7.19 -21.93 -6.07
N ALA A 284 6.61 -21.00 -6.86
CA ALA A 284 7.36 -19.90 -7.49
C ALA A 284 8.13 -19.13 -6.46
N MET A 285 7.50 -18.84 -5.33
CA MET A 285 8.27 -18.13 -4.33
C MET A 285 9.47 -18.91 -3.83
N LYS A 286 9.34 -20.24 -3.77
CA LYS A 286 10.44 -21.07 -3.23
C LYS A 286 11.62 -21.10 -4.23
N GLU A 287 11.26 -21.26 -5.51
CA GLU A 287 12.16 -21.28 -6.62
C GLU A 287 12.91 -19.97 -6.81
N ILE A 288 12.19 -18.86 -6.64
CA ILE A 288 12.74 -17.52 -6.57
C ILE A 288 13.79 -17.52 -5.47
N LEU A 289 13.43 -17.99 -4.27
CA LEU A 289 14.42 -17.92 -3.15
C LEU A 289 15.64 -18.82 -3.47
N LYS A 290 15.40 -20.00 -4.02
CA LYS A 290 16.43 -21.00 -4.42
C LYS A 290 17.45 -20.29 -5.33
N ARG A 291 16.94 -19.58 -6.33
CA ARG A 291 17.83 -18.91 -7.31
C ARG A 291 18.55 -17.70 -6.75
N ILE A 292 17.98 -17.11 -5.71
CA ILE A 292 18.67 -16.13 -4.95
C ILE A 292 19.82 -16.80 -4.19
N GLN A 293 19.48 -17.85 -3.48
CA GLN A 293 20.44 -18.48 -2.59
C GLN A 293 21.66 -19.04 -3.27
N ASP A 294 21.49 -19.67 -4.44
CA ASP A 294 22.56 -20.34 -5.10
C ASP A 294 23.34 -19.45 -6.09
N GLY A 295 23.01 -18.16 -6.10
CA GLY A 295 23.71 -17.19 -6.95
C GLY A 295 23.35 -17.06 -8.41
N SER A 296 22.38 -17.83 -8.90
CA SER A 296 22.10 -17.85 -10.35
C SER A 296 21.22 -16.67 -10.81
N PHE A 297 20.39 -16.16 -9.89
CA PHE A 297 19.68 -14.94 -10.23
C PHE A 297 20.67 -13.77 -10.38
N ALA A 298 21.57 -13.65 -9.39
CA ALA A 298 22.60 -12.62 -9.44
C ALA A 298 23.39 -12.68 -10.73
N GLN A 299 23.75 -13.89 -11.17
CA GLN A 299 24.47 -14.02 -12.40
C GLN A 299 23.64 -13.57 -13.63
N GLU A 300 22.33 -13.87 -13.60
CA GLU A 300 21.41 -13.50 -14.68
C GLU A 300 21.28 -12.00 -14.85
N PHE A 301 21.14 -11.30 -13.69
CA PHE A 301 20.99 -9.85 -13.62
C PHE A 301 22.27 -9.20 -14.16
N VAL A 302 23.41 -9.58 -13.56
CA VAL A 302 24.71 -9.10 -14.00
C VAL A 302 24.88 -9.34 -15.50
N ASP A 303 24.50 -10.51 -15.99
CA ASP A 303 24.57 -10.77 -17.43
C ASP A 303 23.74 -9.76 -18.21
N ASP A 304 22.49 -9.57 -17.80
CA ASP A 304 21.65 -8.62 -18.51
C ASP A 304 22.28 -7.22 -18.53
N CYS A 305 22.79 -6.76 -17.37
CA CYS A 305 23.53 -5.53 -17.24
C CYS A 305 24.71 -5.38 -18.20
N ASN A 306 25.53 -6.44 -18.31
CA ASN A 306 26.64 -6.53 -19.28
C ASN A 306 26.10 -6.57 -20.72
N ASN A 307 24.80 -6.87 -20.86
CA ASN A 307 24.20 -6.86 -22.20
C ASN A 307 23.48 -5.54 -22.45
N GLY A 308 23.85 -4.48 -21.71
CA GLY A 308 23.27 -3.12 -21.82
C GLY A 308 21.86 -2.92 -21.25
N HIS A 309 21.60 -3.55 -20.11
CA HIS A 309 20.24 -3.71 -19.58
C HIS A 309 19.19 -4.21 -20.58
N LYS A 310 19.53 -5.12 -21.53
CA LYS A 310 18.58 -5.28 -22.59
C LYS A 310 17.19 -5.73 -22.20
N ARG A 311 17.13 -6.77 -21.37
CA ARG A 311 15.85 -7.34 -20.97
C ARG A 311 15.15 -6.32 -20.02
N LEU A 312 15.90 -5.69 -19.17
CA LEU A 312 15.35 -4.66 -18.23
C LEU A 312 14.61 -3.51 -18.97
N LEU A 313 15.20 -3.08 -20.08
CA LEU A 313 14.73 -1.94 -20.88
C LEU A 313 13.46 -2.31 -21.65
N GLU A 314 13.47 -3.47 -22.31
CA GLU A 314 12.25 -4.01 -22.96
C GLU A 314 11.04 -4.06 -22.01
N GLN A 315 11.29 -4.56 -20.80
CA GLN A 315 10.20 -4.80 -19.88
C GLN A 315 9.74 -3.48 -19.28
N ARG A 316 10.69 -2.58 -19.15
CA ARG A 316 10.38 -1.21 -18.74
C ARG A 316 9.43 -0.53 -19.74
N GLU A 317 9.77 -0.68 -21.03
CA GLU A 317 8.95 -0.02 -22.04
C GLU A 317 7.51 -0.62 -22.07
N ALA A 318 7.37 -1.95 -21.96
CA ALA A 318 6.04 -2.62 -21.86
C ALA A 318 5.19 -2.08 -20.65
N ILE A 319 5.78 -1.96 -19.48
CA ILE A 319 5.00 -1.36 -18.38
C ILE A 319 4.68 0.11 -18.59
N ASN A 320 5.68 0.88 -19.03
CA ASN A 320 5.48 2.32 -19.20
C ASN A 320 4.39 2.61 -20.27
N THR A 321 4.28 1.76 -21.32
CA THR A 321 3.23 2.02 -22.30
C THR A 321 1.87 1.31 -22.02
N HIS A 322 1.80 0.59 -20.91
CA HIS A 322 0.57 -0.12 -20.54
C HIS A 322 -0.59 0.81 -20.27
N PRO A 323 -1.81 0.45 -20.74
CA PRO A 323 -2.98 1.27 -20.41
C PRO A 323 -3.09 1.64 -18.87
N ILE A 324 -2.62 0.77 -17.98
CA ILE A 324 -2.78 1.08 -16.55
C ILE A 324 -1.93 2.31 -16.29
N GLU A 325 -0.84 2.49 -17.03
CA GLU A 325 0.03 3.65 -16.75
C GLU A 325 -0.42 4.97 -17.40
N THR A 326 -0.86 4.85 -18.66
CA THR A 326 -1.42 6.02 -19.33
C THR A 326 -2.74 6.46 -18.71
N THR A 327 -3.62 5.50 -18.38
CA THR A 327 -4.91 5.91 -17.75
C THR A 327 -4.56 6.54 -16.39
N GLY A 328 -3.69 5.86 -15.65
CA GLY A 328 -3.34 6.39 -14.31
C GLY A 328 -2.75 7.80 -14.35
N ALA A 329 -1.89 8.05 -15.34
CA ALA A 329 -1.25 9.39 -15.48
C ALA A 329 -2.32 10.50 -15.67
N GLN A 330 -3.31 10.24 -16.55
CA GLN A 330 -4.50 11.15 -16.70
C GLN A 330 -5.26 11.44 -15.42
N ILE A 331 -5.67 10.37 -14.73
CA ILE A 331 -6.48 10.49 -13.51
C ILE A 331 -5.74 11.27 -12.43
N ARG A 332 -4.49 10.92 -12.15
CA ARG A 332 -3.74 11.60 -11.12
C ARG A 332 -3.49 13.09 -11.50
N SER A 333 -3.44 13.42 -12.79
CA SER A 333 -3.17 14.82 -13.15
C SER A 333 -4.32 15.75 -12.72
N MET A 334 -5.48 15.19 -12.41
CA MET A 334 -6.67 15.93 -12.03
C MET A 334 -6.84 16.11 -10.53
N PHE A 335 -6.08 15.37 -9.71
CA PHE A 335 -6.21 15.50 -8.25
C PHE A 335 -5.79 16.92 -7.79
N MET B 10 -17.60 10.29 -24.34
CA MET B 10 -16.40 9.78 -23.63
C MET B 10 -16.45 8.25 -23.45
N ALA B 11 -16.89 7.83 -22.26
CA ALA B 11 -16.81 6.44 -21.74
C ALA B 11 -15.39 6.19 -21.16
N VAL B 12 -15.05 6.88 -20.07
CA VAL B 12 -16.03 7.54 -19.20
C VAL B 12 -15.72 9.00 -18.89
N THR B 13 -16.67 9.69 -18.29
CA THR B 13 -16.38 11.03 -17.92
C THR B 13 -16.20 11.08 -16.40
N ILE B 14 -15.04 11.49 -15.94
CA ILE B 14 -14.88 11.55 -14.50
C ILE B 14 -15.40 12.89 -14.19
N LEU B 15 -16.10 13.03 -13.07
CA LEU B 15 -16.80 14.28 -12.76
C LEU B 15 -16.15 14.79 -11.51
N TYR B 16 -16.19 16.12 -11.30
CA TYR B 16 -15.49 16.76 -10.21
C TYR B 16 -16.41 17.83 -9.59
N GLU B 17 -15.82 18.66 -8.75
CA GLU B 17 -16.64 19.59 -8.02
C GLU B 17 -17.49 20.46 -8.99
N GLN B 18 -16.95 20.84 -10.13
CA GLN B 18 -17.70 21.71 -11.06
C GLN B 18 -18.93 21.04 -11.69
N ASP B 19 -18.92 19.69 -11.80
CA ASP B 19 -20.10 18.87 -12.22
C ASP B 19 -21.21 18.59 -11.17
N VAL B 20 -21.09 19.08 -9.94
CA VAL B 20 -22.07 18.71 -8.93
C VAL B 20 -22.59 19.96 -8.26
N ASP B 21 -23.74 19.84 -7.58
CA ASP B 21 -24.31 20.94 -6.86
C ASP B 21 -24.45 20.62 -5.36
N PRO B 22 -23.50 21.11 -4.54
CA PRO B 22 -23.53 20.91 -3.10
C PRO B 22 -24.86 21.25 -2.46
N LYS B 23 -25.54 22.30 -2.92
CA LYS B 23 -26.79 22.71 -2.22
C LYS B 23 -27.88 21.66 -2.21
N VAL B 24 -27.83 20.69 -3.10
CA VAL B 24 -28.90 19.72 -3.13
C VAL B 24 -28.92 18.80 -1.92
N ILE B 25 -27.79 18.17 -1.63
CA ILE B 25 -27.75 17.29 -0.49
C ILE B 25 -27.83 18.19 0.77
N GLN B 26 -27.32 19.40 0.67
CA GLN B 26 -27.43 20.30 1.89
C GLN B 26 -28.86 20.64 2.25
N GLY B 27 -29.74 20.58 1.28
CA GLY B 27 -31.16 20.79 1.47
C GLY B 27 -31.96 19.55 1.86
N LEU B 28 -31.30 18.40 2.05
CA LEU B 28 -32.03 17.21 2.42
C LEU B 28 -31.57 16.60 3.78
N LYS B 29 -32.52 16.03 4.52
CA LYS B 29 -32.21 15.26 5.74
C LYS B 29 -31.73 13.83 5.36
N VAL B 30 -30.52 13.52 5.82
CA VAL B 30 -29.90 12.22 5.68
C VAL B 30 -29.94 11.40 6.97
N GLY B 31 -30.41 10.18 6.79
CA GLY B 31 -30.42 9.15 7.82
C GLY B 31 -29.44 8.10 7.42
N ILE B 32 -28.36 8.02 8.21
CA ILE B 32 -27.35 6.95 8.06
C ILE B 32 -27.80 5.79 8.97
N ILE B 33 -28.15 4.64 8.37
CA ILE B 33 -28.54 3.50 9.22
C ILE B 33 -27.25 2.68 9.42
N GLY B 34 -26.83 2.64 10.68
CA GLY B 34 -25.58 1.99 11.10
C GLY B 34 -24.38 2.89 11.24
N TYR B 35 -23.38 2.44 12.00
CA TYR B 35 -22.23 3.23 12.30
C TYR B 35 -20.99 2.32 12.26
N GLY B 36 -20.80 1.58 11.18
CA GLY B 36 -19.60 0.78 11.12
C GLY B 36 -18.55 1.50 10.26
N SER B 37 -17.93 0.76 9.31
CA SER B 37 -16.81 1.35 8.61
C SER B 37 -17.25 2.57 7.75
N GLN B 38 -18.13 2.28 6.78
CA GLN B 38 -18.76 3.31 5.98
C GLN B 38 -19.64 4.27 6.79
N GLY B 39 -20.50 3.71 7.66
CA GLY B 39 -21.46 4.51 8.48
C GLY B 39 -20.77 5.71 9.03
N HIS B 40 -19.65 5.54 9.74
CA HIS B 40 -19.10 6.71 10.54
C HIS B 40 -18.49 7.77 9.58
N ALA B 41 -17.92 7.25 8.49
CA ALA B 41 -17.32 8.09 7.49
C ALA B 41 -18.36 8.92 6.69
N HIS B 42 -19.45 8.28 6.22
CA HIS B 42 -20.48 9.04 5.48
C HIS B 42 -21.08 10.04 6.45
N ALA B 43 -21.40 9.56 7.64
CA ALA B 43 -22.12 10.45 8.62
C ALA B 43 -21.30 11.74 8.95
N LEU B 44 -20.01 11.56 9.29
CA LEU B 44 -19.16 12.71 9.68
C LEU B 44 -18.76 13.61 8.49
N ASN B 45 -18.46 13.01 7.32
CA ASN B 45 -18.12 13.86 6.22
C ASN B 45 -19.33 14.72 5.78
N LEU B 46 -20.56 14.18 5.85
CA LEU B 46 -21.77 14.87 5.40
C LEU B 46 -22.05 15.95 6.44
N MET B 47 -21.93 15.64 7.71
CA MET B 47 -22.10 16.71 8.78
C MET B 47 -21.10 17.86 8.62
N ASP B 48 -19.81 17.51 8.41
CA ASP B 48 -18.80 18.52 8.09
C ASP B 48 -19.13 19.35 6.82
N SER B 49 -19.70 18.70 5.78
CA SER B 49 -20.14 19.38 4.56
C SER B 49 -21.46 20.21 4.68
N GLY B 50 -21.98 20.33 5.89
CA GLY B 50 -23.11 21.16 6.19
C GLY B 50 -24.46 20.48 6.08
N VAL B 51 -24.51 19.16 5.98
CA VAL B 51 -25.77 18.40 5.84
C VAL B 51 -26.41 18.08 7.18
N ASP B 52 -27.73 18.04 7.23
CA ASP B 52 -28.50 17.66 8.44
C ASP B 52 -28.53 16.13 8.49
N VAL B 53 -27.71 15.61 9.41
CA VAL B 53 -27.44 14.16 9.54
C VAL B 53 -27.98 13.60 10.85
N ARG B 54 -28.67 12.46 10.78
CA ARG B 54 -28.82 11.66 12.00
C ARG B 54 -28.33 10.23 11.77
N VAL B 55 -27.84 9.61 12.85
CA VAL B 55 -27.41 8.20 12.79
C VAL B 55 -28.52 7.33 13.34
N GLY B 56 -28.88 6.28 12.58
CA GLY B 56 -29.89 5.30 13.07
C GLY B 56 -29.28 4.02 13.60
N LEU B 57 -29.44 3.76 14.90
CA LEU B 57 -28.94 2.52 15.53
C LEU B 57 -29.94 1.74 16.38
N ARG B 58 -29.66 0.47 16.63
CA ARG B 58 -30.47 -0.30 17.55
C ARG B 58 -30.31 0.25 18.92
N GLU B 59 -31.43 0.25 19.63
CA GLU B 59 -31.46 0.57 21.06
C GLU B 59 -30.41 -0.25 21.81
N GLY B 60 -29.68 0.39 22.71
CA GLY B 60 -28.56 -0.29 23.42
C GLY B 60 -27.29 -0.74 22.67
N ASP B 61 -27.12 -0.35 21.40
CA ASP B 61 -25.85 -0.52 20.68
C ASP B 61 -24.73 0.28 21.40
N SER B 62 -23.57 -0.32 21.57
CA SER B 62 -22.43 0.36 22.23
C SER B 62 -21.78 1.41 21.34
N ASP B 63 -21.95 1.35 19.99
CA ASP B 63 -21.48 2.47 19.14
C ASP B 63 -22.30 3.78 19.25
N TRP B 64 -23.42 3.78 19.99
CA TRP B 64 -24.26 4.98 20.10
C TRP B 64 -23.51 6.11 20.78
N LYS B 65 -22.88 5.79 21.91
CA LYS B 65 -21.95 6.74 22.55
C LYS B 65 -20.81 7.20 21.61
N THR B 66 -20.19 6.28 20.88
CA THR B 66 -19.12 6.63 19.92
C THR B 66 -19.65 7.70 18.94
N ALA B 67 -20.84 7.50 18.40
CA ALA B 67 -21.37 8.42 17.38
C ALA B 67 -21.67 9.77 18.04
N GLU B 68 -22.19 9.71 19.26
CA GLU B 68 -22.47 10.92 20.07
C GLU B 68 -21.20 11.71 20.51
N GLU B 69 -20.15 10.99 20.93
CA GLU B 69 -18.82 11.51 21.07
C GLU B 69 -18.20 12.22 19.83
N ALA B 70 -18.59 11.80 18.63
CA ALA B 70 -18.16 12.41 17.36
C ALA B 70 -19.04 13.66 17.08
N GLY B 71 -20.01 13.96 17.97
CA GLY B 71 -20.86 15.15 17.86
C GLY B 71 -22.13 15.00 17.02
N LEU B 72 -22.42 13.77 16.57
CA LEU B 72 -23.58 13.46 15.71
C LEU B 72 -24.87 13.27 16.48
N LYS B 73 -26.00 13.52 15.79
CA LYS B 73 -27.32 13.20 16.30
C LYS B 73 -27.53 11.71 16.05
N VAL B 74 -27.86 11.01 17.11
CA VAL B 74 -28.07 9.57 17.05
C VAL B 74 -29.48 9.28 17.60
N THR B 75 -30.17 8.39 16.92
CA THR B 75 -31.51 8.03 17.39
C THR B 75 -31.75 6.59 16.94
N ASP B 76 -32.94 6.03 17.20
CA ASP B 76 -33.13 4.60 16.80
C ASP B 76 -33.31 4.58 15.30
N MET B 77 -33.11 3.39 14.68
CA MET B 77 -33.23 3.28 13.29
C MET B 77 -34.58 3.74 12.72
N ASP B 78 -35.68 3.34 13.37
CA ASP B 78 -37.05 3.65 12.91
C ASP B 78 -37.25 5.16 12.82
N THR B 79 -36.90 5.87 13.89
CA THR B 79 -36.93 7.32 13.91
C THR B 79 -36.02 7.94 12.84
N ALA B 80 -34.80 7.44 12.72
CA ALA B 80 -33.87 7.93 11.69
C ALA B 80 -34.53 7.85 10.36
N ALA B 81 -35.13 6.68 10.07
CA ALA B 81 -35.67 6.44 8.71
C ALA B 81 -36.91 7.30 8.48
N GLU B 82 -37.75 7.37 9.51
CA GLU B 82 -38.93 8.21 9.53
C GLU B 82 -38.57 9.63 9.10
N GLU B 83 -37.65 10.29 9.88
CA GLU B 83 -37.23 11.68 9.66
C GLU B 83 -36.54 11.97 8.35
N ALA B 84 -35.86 10.99 7.75
CA ALA B 84 -34.90 11.25 6.71
C ALA B 84 -35.64 11.44 5.37
N ASP B 85 -35.08 12.34 4.55
CA ASP B 85 -35.38 12.42 3.10
C ASP B 85 -34.57 11.37 2.32
N VAL B 86 -33.33 11.12 2.76
CA VAL B 86 -32.41 10.19 2.10
C VAL B 86 -32.08 9.09 3.15
N ILE B 87 -32.37 7.85 2.86
CA ILE B 87 -32.10 6.78 3.83
C ILE B 87 -30.95 6.00 3.30
N MET B 88 -29.79 6.17 3.95
CA MET B 88 -28.55 5.47 3.44
C MET B 88 -28.26 4.18 4.19
N VAL B 89 -28.25 3.03 3.51
CA VAL B 89 -28.16 1.73 4.23
C VAL B 89 -26.67 1.25 4.41
N LEU B 90 -26.14 1.42 5.62
CA LEU B 90 -24.73 1.03 5.90
C LEU B 90 -24.59 0.04 7.05
N VAL B 91 -25.30 -1.10 6.92
CA VAL B 91 -25.12 -2.24 7.86
C VAL B 91 -24.56 -3.33 6.93
N PRO B 92 -24.08 -4.46 7.47
CA PRO B 92 -23.55 -5.56 6.68
C PRO B 92 -24.53 -6.01 5.55
N ASP B 93 -23.97 -6.26 4.38
CA ASP B 93 -24.82 -6.54 3.24
C ASP B 93 -25.81 -7.63 3.58
N GLU B 94 -25.34 -8.61 4.34
CA GLU B 94 -26.17 -9.81 4.63
C GLU B 94 -27.40 -9.58 5.53
N VAL B 95 -27.35 -8.57 6.40
CA VAL B 95 -28.46 -8.26 7.27
C VAL B 95 -29.42 -7.18 6.69
N GLN B 96 -28.95 -6.43 5.70
CA GLN B 96 -29.80 -5.47 4.99
C GLN B 96 -31.29 -5.86 4.65
N PRO B 97 -31.56 -7.07 4.05
CA PRO B 97 -32.95 -7.42 3.71
C PRO B 97 -33.86 -7.41 4.93
N LYS B 98 -33.37 -7.96 6.04
CA LYS B 98 -34.14 -8.02 7.30
C LYS B 98 -34.22 -6.68 7.95
N VAL B 99 -33.11 -5.96 8.06
CA VAL B 99 -33.12 -4.60 8.64
C VAL B 99 -34.06 -3.67 7.85
N TYR B 100 -33.99 -3.79 6.53
CA TYR B 100 -34.82 -3.00 5.65
C TYR B 100 -36.30 -3.33 5.88
N GLN B 101 -36.66 -4.62 5.76
CA GLN B 101 -38.04 -5.04 6.01
C GLN B 101 -38.49 -4.60 7.40
N GLU B 102 -37.71 -4.87 8.41
CA GLU B 102 -38.24 -4.66 9.74
C GLU B 102 -38.17 -3.23 10.21
N HIS B 103 -37.33 -2.42 9.57
CA HIS B 103 -37.09 -1.11 10.16
C HIS B 103 -36.98 0.04 9.20
N ILE B 104 -37.00 -0.21 7.88
CA ILE B 104 -36.84 0.94 6.95
C ILE B 104 -38.07 1.15 6.09
N ALA B 105 -38.48 0.11 5.37
CA ALA B 105 -39.62 0.12 4.45
C ALA B 105 -40.84 0.93 4.96
N ALA B 106 -41.31 0.65 6.17
CA ALA B 106 -42.50 1.32 6.68
C ALA B 106 -42.28 2.83 6.79
N HIS B 107 -41.04 3.31 6.81
CA HIS B 107 -40.74 4.72 7.05
C HIS B 107 -40.53 5.56 5.82
N LEU B 108 -40.44 4.89 4.67
CA LEU B 108 -40.28 5.49 3.32
C LEU B 108 -41.57 6.11 2.77
N LYS B 109 -41.48 7.40 2.47
CA LYS B 109 -42.59 8.23 1.97
C LYS B 109 -42.34 8.46 0.51
N ALA B 110 -43.41 8.77 -0.21
CA ALA B 110 -43.30 9.03 -1.63
C ALA B 110 -42.32 10.19 -1.80
N GLY B 111 -41.35 10.02 -2.68
CA GLY B 111 -40.31 11.01 -2.95
C GLY B 111 -39.06 11.07 -2.05
N ASN B 112 -38.99 10.14 -1.09
CA ASN B 112 -37.81 9.84 -0.30
C ASN B 112 -36.81 9.24 -1.24
N THR B 113 -35.55 9.20 -0.81
CA THR B 113 -34.52 8.46 -1.57
C THR B 113 -34.00 7.33 -0.66
N LEU B 114 -33.88 6.12 -1.21
CA LEU B 114 -33.23 5.02 -0.50
C LEU B 114 -31.83 4.87 -1.09
N ALA B 115 -30.81 4.87 -0.22
CA ALA B 115 -29.43 4.86 -0.77
C ALA B 115 -28.59 3.74 -0.20
N PHE B 116 -27.70 3.19 -1.03
CA PHE B 116 -26.74 2.16 -0.67
C PHE B 116 -25.29 2.64 -0.99
N ALA B 117 -24.29 2.02 -0.34
CA ALA B 117 -22.93 2.23 -0.76
C ALA B 117 -22.38 1.06 -1.58
N HIS B 118 -23.19 0.06 -1.84
CA HIS B 118 -22.74 -1.09 -2.72
C HIS B 118 -23.97 -1.69 -3.33
N GLY B 119 -23.87 -2.25 -4.56
CA GLY B 119 -25.09 -2.59 -5.22
C GLY B 119 -25.57 -4.02 -5.00
N PHE B 120 -24.90 -4.80 -4.14
CA PHE B 120 -25.19 -6.26 -3.91
C PHE B 120 -26.72 -6.59 -3.83
N ASN B 121 -27.39 -5.97 -2.88
CA ASN B 121 -28.75 -6.29 -2.53
C ASN B 121 -29.78 -5.93 -3.60
N ILE B 122 -29.55 -4.82 -4.29
CA ILE B 122 -30.50 -4.38 -5.24
C ILE B 122 -30.26 -5.17 -6.48
N HIS B 123 -29.02 -5.27 -6.87
CA HIS B 123 -28.62 -5.92 -8.16
C HIS B 123 -29.02 -7.34 -8.17
N TYR B 124 -28.67 -8.08 -7.12
CA TYR B 124 -29.08 -9.46 -7.00
C TYR B 124 -30.56 -9.69 -6.62
N GLY B 125 -31.34 -8.66 -6.26
CA GLY B 125 -32.76 -8.89 -5.93
C GLY B 125 -33.08 -9.21 -4.47
N TYR B 126 -32.12 -9.10 -3.55
CA TYR B 126 -32.43 -9.45 -2.18
C TYR B 126 -33.34 -8.39 -1.54
N ILE B 127 -33.25 -7.16 -2.05
CA ILE B 127 -34.17 -6.06 -1.65
C ILE B 127 -34.80 -5.44 -2.88
N VAL B 128 -36.15 -5.50 -2.95
CA VAL B 128 -36.99 -4.85 -3.99
C VAL B 128 -37.69 -3.65 -3.45
N PRO B 129 -37.24 -2.48 -3.86
CA PRO B 129 -37.77 -1.28 -3.19
C PRO B 129 -39.12 -0.91 -3.85
N PRO B 130 -39.90 -0.02 -3.18
CA PRO B 130 -41.18 0.40 -3.70
C PRO B 130 -40.90 1.40 -4.83
N GLU B 131 -41.88 1.57 -5.72
CA GLU B 131 -41.68 2.43 -6.85
C GLU B 131 -41.98 3.91 -6.60
N ASP B 132 -42.22 4.34 -5.34
CA ASP B 132 -42.41 5.75 -5.02
C ASP B 132 -41.19 6.48 -4.40
N VAL B 133 -40.02 5.83 -4.42
CA VAL B 133 -38.77 6.44 -3.91
C VAL B 133 -37.66 6.35 -4.94
N ASN B 134 -36.72 7.28 -4.85
CA ASN B 134 -35.42 7.14 -5.57
C ASN B 134 -34.62 5.95 -5.01
N VAL B 135 -33.96 5.20 -5.91
CA VAL B 135 -33.00 4.17 -5.49
C VAL B 135 -31.65 4.52 -6.12
N ILE B 136 -30.73 4.89 -5.22
CA ILE B 136 -29.41 5.44 -5.64
C ILE B 136 -28.28 4.72 -4.87
N MET B 137 -27.08 4.98 -5.36
CA MET B 137 -25.86 4.50 -4.70
C MET B 137 -24.73 5.47 -4.78
N CYS B 138 -24.13 5.75 -3.63
CA CYS B 138 -22.80 6.39 -3.60
C CYS B 138 -21.81 5.37 -3.04
N ALA B 139 -21.05 4.71 -3.93
CA ALA B 139 -20.06 3.70 -3.55
C ALA B 139 -18.62 4.27 -3.51
N PRO B 140 -18.10 4.65 -2.34
CA PRO B 140 -16.68 4.98 -2.29
C PRO B 140 -15.81 3.74 -2.63
N LYS B 141 -14.78 3.99 -3.41
CA LYS B 141 -13.83 2.96 -3.78
C LYS B 141 -12.68 3.05 -2.73
N GLY B 142 -13.05 2.82 -1.45
CA GLY B 142 -12.04 2.77 -0.38
C GLY B 142 -12.68 2.34 0.91
N PRO B 143 -11.84 2.02 1.92
CA PRO B 143 -12.36 1.66 3.22
C PRO B 143 -12.83 2.89 4.05
N GLY B 144 -13.78 2.61 4.90
CA GLY B 144 -14.58 3.58 5.54
C GLY B 144 -13.65 4.46 6.33
N HIS B 145 -12.66 3.87 7.03
CA HIS B 145 -11.75 4.72 7.88
C HIS B 145 -10.95 5.76 7.07
N ILE B 146 -10.64 5.43 5.82
CA ILE B 146 -9.89 6.25 4.90
C ILE B 146 -10.82 7.18 4.06
N VAL B 147 -12.09 6.85 3.88
CA VAL B 147 -13.07 7.76 3.27
C VAL B 147 -13.15 8.91 4.22
N ARG B 148 -13.07 8.54 5.47
CA ARG B 148 -13.10 9.60 6.53
C ARG B 148 -11.73 10.35 6.57
N ARG B 149 -10.63 9.67 6.87
CA ARG B 149 -9.35 10.34 6.97
C ARG B 149 -8.98 11.31 5.81
N GLN B 150 -9.00 10.81 4.57
CA GLN B 150 -8.69 11.58 3.42
C GLN B 150 -9.55 12.82 3.28
N PHE B 151 -10.82 12.69 3.62
CA PHE B 151 -11.69 13.85 3.59
C PHE B 151 -11.15 14.90 4.53
N THR B 152 -10.91 14.54 5.78
CA THR B 152 -10.34 15.50 6.76
C THR B 152 -8.98 16.05 6.30
N GLU B 153 -8.25 15.32 5.45
CA GLU B 153 -6.98 15.77 4.91
C GLU B 153 -7.14 16.67 3.67
N GLY B 154 -8.36 17.03 3.28
CA GLY B 154 -8.64 17.82 2.04
C GLY B 154 -8.51 16.98 0.74
N SER B 155 -8.48 15.67 0.89
CA SER B 155 -8.55 14.81 -0.28
C SER B 155 -9.96 14.16 -0.20
N GLY B 156 -10.17 12.98 -0.77
CA GLY B 156 -11.49 12.44 -0.75
C GLY B 156 -11.32 11.17 -1.56
N VAL B 157 -11.90 10.09 -1.09
CA VAL B 157 -11.87 8.77 -1.82
C VAL B 157 -12.78 8.89 -3.05
N PRO B 158 -12.38 8.33 -4.22
CA PRO B 158 -13.31 8.45 -5.35
C PRO B 158 -14.68 7.72 -5.12
N ASP B 159 -15.75 8.10 -5.83
CA ASP B 159 -17.07 7.49 -5.66
C ASP B 159 -17.57 7.01 -7.02
N LEU B 160 -18.29 5.92 -7.02
CA LEU B 160 -19.20 5.64 -8.09
C LEU B 160 -20.62 6.12 -7.68
N ALA B 161 -21.27 6.86 -8.57
CA ALA B 161 -22.64 7.36 -8.43
C ALA B 161 -23.56 6.58 -9.33
N CYS B 162 -24.58 5.96 -8.76
CA CYS B 162 -25.49 5.10 -9.53
C CYS B 162 -26.94 5.41 -9.14
N VAL B 163 -27.86 5.22 -10.09
CA VAL B 163 -29.32 5.41 -9.83
C VAL B 163 -30.05 4.21 -10.41
N GLN B 164 -30.65 3.34 -9.58
CA GLN B 164 -31.48 2.25 -10.08
C GLN B 164 -32.87 2.83 -10.38
N GLN B 165 -33.37 3.79 -9.58
CA GLN B 165 -34.68 4.25 -9.86
C GLN B 165 -34.74 5.79 -9.75
N ASP B 166 -35.09 6.50 -10.84
CA ASP B 166 -35.23 7.96 -10.70
C ASP B 166 -36.74 8.38 -10.51
N ALA B 167 -37.24 8.22 -9.30
CA ALA B 167 -38.65 8.44 -8.99
C ALA B 167 -38.98 9.90 -9.09
N THR B 168 -38.12 10.76 -8.54
CA THR B 168 -38.46 12.15 -8.38
C THR B 168 -38.03 12.96 -9.56
N GLY B 169 -37.22 12.40 -10.46
CA GLY B 169 -36.64 13.21 -11.53
C GLY B 169 -35.40 14.01 -11.14
N ASN B 170 -35.03 14.12 -9.84
CA ASN B 170 -33.71 14.64 -9.47
C ASN B 170 -32.77 13.63 -8.72
N ALA B 171 -32.98 12.32 -8.93
CA ALA B 171 -32.16 11.28 -8.27
C ALA B 171 -30.67 11.49 -8.59
N TRP B 172 -30.36 11.83 -9.84
CA TRP B 172 -28.96 12.08 -10.23
C TRP B 172 -28.33 13.21 -9.53
N ASP B 173 -29.09 14.29 -9.36
CA ASP B 173 -28.59 15.47 -8.70
C ASP B 173 -28.32 15.14 -7.31
N ILE B 174 -29.24 14.41 -6.68
CA ILE B 174 -29.00 13.93 -5.27
C ILE B 174 -27.78 13.00 -5.18
N VAL B 175 -27.68 12.02 -6.03
CA VAL B 175 -26.52 11.12 -5.84
C VAL B 175 -25.19 11.78 -6.09
N LEU B 176 -25.15 12.81 -6.95
CA LEU B 176 -23.92 13.42 -7.30
C LEU B 176 -23.50 14.34 -6.21
N SER B 177 -24.52 14.99 -5.63
CA SER B 177 -24.35 15.90 -4.52
C SER B 177 -23.94 15.14 -3.24
N TYR B 178 -24.57 13.99 -3.03
CA TYR B 178 -24.14 13.07 -1.95
C TYR B 178 -22.63 12.73 -2.03
N CYS B 179 -22.17 12.29 -3.21
CA CYS B 179 -20.75 12.10 -3.45
C CYS B 179 -19.89 13.33 -3.06
N TRP B 180 -20.27 14.53 -3.52
CA TRP B 180 -19.53 15.73 -3.08
C TRP B 180 -19.41 15.74 -1.56
N GLY B 181 -20.52 15.45 -0.86
CA GLY B 181 -20.67 15.58 0.60
C GLY B 181 -19.77 14.59 1.36
N VAL B 182 -19.30 13.55 0.65
CA VAL B 182 -18.40 12.56 1.28
C VAL B 182 -16.97 12.56 0.65
N GLY B 183 -16.68 13.56 -0.21
CA GLY B 183 -15.34 13.90 -0.65
C GLY B 183 -15.00 13.34 -2.04
N GLY B 184 -15.98 12.66 -2.66
CA GLY B 184 -15.69 12.08 -4.02
C GLY B 184 -15.26 13.10 -5.09
N ALA B 185 -15.75 14.36 -4.95
CA ALA B 185 -15.44 15.37 -5.99
C ALA B 185 -13.94 15.74 -6.09
N ARG B 186 -13.19 15.49 -5.01
CA ARG B 186 -11.81 15.87 -4.96
C ARG B 186 -10.93 14.93 -5.75
N SER B 187 -11.40 13.71 -6.02
CA SER B 187 -10.52 12.82 -6.74
C SER B 187 -11.17 12.28 -8.00
N GLY B 188 -12.51 12.13 -7.96
CA GLY B 188 -13.26 11.71 -9.15
C GLY B 188 -14.58 10.96 -8.83
N ILE B 189 -15.65 11.27 -9.57
CA ILE B 189 -16.90 10.54 -9.49
C ILE B 189 -17.16 9.93 -10.87
N ILE B 190 -17.48 8.65 -10.90
CA ILE B 190 -17.85 8.01 -12.18
C ILE B 190 -19.30 7.57 -12.08
N LYS B 191 -20.07 7.81 -13.14
CA LYS B 191 -21.45 7.32 -13.21
C LYS B 191 -21.34 5.91 -13.62
N ALA B 192 -22.02 5.02 -12.90
CA ALA B 192 -22.05 3.56 -13.28
C ALA B 192 -23.47 2.99 -12.99
N THR B 193 -23.77 1.79 -13.48
CA THR B 193 -25.05 1.15 -13.12
C THR B 193 -24.87 0.37 -11.78
N PHE B 194 -25.96 0.08 -11.07
CA PHE B 194 -25.89 -0.83 -9.95
C PHE B 194 -25.24 -2.13 -10.33
N ALA B 195 -25.48 -2.62 -11.53
CA ALA B 195 -24.86 -3.91 -11.91
C ALA B 195 -23.38 -3.76 -11.97
N GLU B 196 -22.97 -2.68 -12.63
CA GLU B 196 -21.60 -2.49 -12.99
C GLU B 196 -20.74 -2.36 -11.70
N GLU B 197 -21.29 -1.63 -10.73
CA GLU B 197 -20.53 -1.39 -9.55
C GLU B 197 -20.45 -2.69 -8.77
N THR B 198 -21.52 -3.49 -8.80
CA THR B 198 -21.56 -4.68 -7.96
C THR B 198 -20.45 -5.58 -8.41
N GLU B 199 -20.40 -5.76 -9.73
CA GLU B 199 -19.51 -6.69 -10.32
C GLU B 199 -18.02 -6.26 -10.18
N GLU B 200 -17.69 -5.00 -10.45
CA GLU B 200 -16.31 -4.58 -10.44
C GLU B 200 -15.78 -4.59 -9.00
N ASP B 201 -16.65 -4.16 -8.05
CA ASP B 201 -16.35 -4.02 -6.63
C ASP B 201 -16.03 -5.40 -6.01
N LEU B 202 -16.94 -6.34 -6.27
CA LEU B 202 -16.82 -7.68 -5.73
C LEU B 202 -15.48 -8.16 -6.29
N PHE B 203 -15.22 -7.89 -7.59
CA PHE B 203 -14.01 -8.40 -8.21
C PHE B 203 -12.71 -7.77 -7.64
N GLY B 204 -12.70 -6.46 -7.45
CA GLY B 204 -11.54 -5.80 -6.93
C GLY B 204 -11.15 -6.40 -5.60
N GLU B 205 -12.11 -6.47 -4.66
CA GLU B 205 -11.81 -6.84 -3.28
C GLU B 205 -11.41 -8.29 -3.26
N GLN B 206 -12.11 -9.11 -4.01
CA GLN B 206 -11.64 -10.47 -4.12
C GLN B 206 -10.25 -10.67 -4.71
N ALA B 207 -10.08 -10.41 -6.03
CA ALA B 207 -8.85 -10.67 -6.79
C ALA B 207 -7.64 -9.91 -6.39
N VAL B 208 -7.81 -8.65 -5.94
CA VAL B 208 -6.69 -7.77 -5.99
C VAL B 208 -6.45 -7.16 -4.62
N LEU B 209 -7.42 -6.41 -4.15
CA LEU B 209 -7.25 -5.58 -2.91
C LEU B 209 -7.23 -6.29 -1.56
N CYS B 210 -8.00 -7.37 -1.43
CA CYS B 210 -8.06 -8.12 -0.17
C CYS B 210 -7.56 -9.56 -0.29
N GLY B 211 -8.20 -10.40 -1.11
CA GLY B 211 -7.70 -11.75 -1.34
C GLY B 211 -6.26 -11.77 -1.91
N GLY B 212 -6.05 -11.17 -3.09
CA GLY B 212 -4.70 -10.94 -3.68
C GLY B 212 -3.62 -10.47 -2.74
N LEU B 213 -3.86 -9.26 -2.25
CA LEU B 213 -2.88 -8.60 -1.48
C LEU B 213 -2.57 -9.45 -0.30
N VAL B 214 -3.60 -9.82 0.51
CA VAL B 214 -3.32 -10.43 1.81
C VAL B 214 -2.65 -11.79 1.61
N GLU B 215 -3.16 -12.57 0.68
CA GLU B 215 -2.47 -13.84 0.44
C GLU B 215 -1.04 -13.61 -0.03
N LEU B 216 -0.82 -12.57 -0.84
CA LEU B 216 0.51 -12.30 -1.36
C LEU B 216 1.46 -11.99 -0.23
N VAL B 217 1.09 -11.07 0.65
CA VAL B 217 1.94 -10.74 1.73
C VAL B 217 2.18 -11.92 2.63
N LYS B 218 1.10 -12.72 2.85
CA LYS B 218 1.17 -13.84 3.71
C LYS B 218 2.07 -14.90 3.10
N ALA B 219 1.91 -15.22 1.82
CA ALA B 219 2.67 -16.28 1.30
C ALA B 219 4.16 -15.85 1.31
N GLY B 220 4.38 -14.52 1.35
CA GLY B 220 5.72 -13.95 1.20
C GLY B 220 6.48 -14.17 2.49
N PHE B 221 5.85 -13.67 3.54
CA PHE B 221 6.22 -13.90 4.89
C PHE B 221 6.48 -15.38 5.25
N GLU B 222 5.64 -16.29 4.74
CA GLU B 222 5.68 -17.70 5.16
C GLU B 222 6.83 -18.33 4.46
N THR B 223 7.04 -17.95 3.18
CA THR B 223 8.13 -18.47 2.36
C THR B 223 9.45 -18.19 3.09
N LEU B 224 9.54 -16.98 3.66
CA LEU B 224 10.77 -16.61 4.32
C LEU B 224 10.94 -17.38 5.61
N THR B 225 9.94 -17.27 6.52
CA THR B 225 9.97 -18.08 7.78
C THR B 225 10.20 -19.57 7.53
N GLU B 226 9.50 -20.16 6.58
CA GLU B 226 9.71 -21.56 6.26
C GLU B 226 11.14 -21.91 5.79
N ALA B 227 11.86 -20.91 5.26
CA ALA B 227 13.27 -21.11 4.82
C ALA B 227 14.25 -20.75 5.93
N GLY B 228 13.72 -20.34 7.08
CA GLY B 228 14.55 -20.00 8.20
C GLY B 228 14.91 -18.56 8.58
N TYR B 229 14.32 -17.54 7.95
CA TYR B 229 14.66 -16.15 8.23
C TYR B 229 13.77 -15.76 9.38
N PRO B 230 14.26 -14.88 10.27
CA PRO B 230 13.40 -14.59 11.41
C PRO B 230 12.10 -13.93 10.99
N PRO B 231 10.98 -14.31 11.65
CA PRO B 231 9.72 -13.61 11.40
C PRO B 231 9.82 -12.06 11.51
N GLU B 232 10.73 -11.53 12.32
CA GLU B 232 10.80 -10.03 12.36
C GLU B 232 11.30 -9.45 11.04
N LEU B 233 12.28 -10.12 10.47
CA LEU B 233 12.80 -9.65 9.25
C LEU B 233 11.77 -9.87 8.11
N ALA B 234 11.10 -11.02 8.09
CA ALA B 234 10.08 -11.35 7.10
C ALA B 234 8.92 -10.28 7.19
N TYR B 235 8.58 -9.83 8.37
CA TYR B 235 7.64 -8.75 8.47
C TYR B 235 8.06 -7.37 7.87
N PHE B 236 9.28 -6.90 8.21
CA PHE B 236 9.82 -5.67 7.64
C PHE B 236 9.90 -5.76 6.12
N GLU B 237 10.31 -6.91 5.67
CA GLU B 237 10.53 -7.07 4.26
C GLU B 237 9.20 -7.20 3.44
N CYS B 238 8.32 -8.13 3.85
CA CYS B 238 7.15 -8.49 3.03
C CYS B 238 5.92 -7.69 3.29
N TYR B 239 5.87 -7.01 4.45
CA TYR B 239 4.63 -6.45 4.94
C TYR B 239 4.85 -4.97 5.12
N HIS B 240 5.75 -4.59 6.01
CA HIS B 240 5.88 -3.17 6.40
C HIS B 240 6.28 -2.34 5.18
N GLU B 241 7.16 -2.87 4.40
CA GLU B 241 7.70 -2.09 3.25
C GLU B 241 6.60 -1.84 2.20
N MET B 242 5.55 -2.65 2.23
CA MET B 242 4.55 -2.64 1.13
C MET B 242 3.87 -1.27 1.04
N LYS B 243 3.57 -0.66 2.21
CA LYS B 243 2.97 0.67 2.25
C LYS B 243 3.79 1.74 1.45
N MET B 244 5.11 1.57 1.47
CA MET B 244 6.09 2.48 0.86
C MET B 244 6.09 2.40 -0.60
N ILE B 245 6.09 1.18 -1.11
CA ILE B 245 6.05 0.97 -2.53
C ILE B 245 4.70 1.49 -3.11
N VAL B 246 3.61 1.08 -2.46
CA VAL B 246 2.27 1.44 -2.91
C VAL B 246 2.09 2.93 -2.89
N ASP B 247 2.53 3.61 -1.79
CA ASP B 247 2.49 5.07 -1.80
C ASP B 247 3.16 5.67 -3.08
N LEU B 248 4.34 5.21 -3.48
CA LEU B 248 4.97 5.74 -4.71
C LEU B 248 4.16 5.54 -6.00
N MET B 249 3.50 4.40 -6.09
CA MET B 249 2.60 4.06 -7.23
C MET B 249 1.36 4.94 -7.23
N TYR B 250 0.78 5.10 -6.05
CA TYR B 250 -0.45 5.88 -5.87
C TYR B 250 -0.24 7.39 -6.24
N GLU B 251 0.88 7.96 -5.79
CA GLU B 251 1.31 9.35 -6.05
C GLU B 251 1.77 9.59 -7.47
N SER B 252 2.48 8.63 -8.09
CA SER B 252 3.28 8.99 -9.26
C SER B 252 3.43 7.97 -10.34
N GLY B 253 2.72 6.87 -10.20
CA GLY B 253 2.82 5.76 -11.18
C GLY B 253 3.91 4.74 -10.95
N ILE B 254 3.71 3.59 -11.60
CA ILE B 254 4.60 2.49 -11.50
C ILE B 254 5.96 2.93 -12.04
N HIS B 255 5.95 3.68 -13.16
CA HIS B 255 7.20 4.16 -13.80
C HIS B 255 8.10 4.88 -12.81
N PHE B 256 7.48 5.66 -11.91
CA PHE B 256 8.25 6.39 -10.94
C PHE B 256 8.73 5.46 -9.80
N MET B 257 7.85 4.53 -9.37
CA MET B 257 8.22 3.59 -8.33
C MET B 257 9.42 2.80 -8.85
N ASN B 258 9.31 2.36 -10.13
CA ASN B 258 10.39 1.62 -10.73
C ASN B 258 11.61 2.47 -10.89
N TYR B 259 11.39 3.76 -11.06
CA TYR B 259 12.54 4.64 -11.09
C TYR B 259 13.21 4.69 -9.74
N SER B 260 12.43 4.82 -8.64
CA SER B 260 12.92 4.94 -7.26
C SER B 260 13.71 3.71 -6.75
N ILE B 261 13.29 2.52 -7.19
CA ILE B 261 13.89 1.27 -6.76
C ILE B 261 15.21 1.00 -7.61
N SER B 262 16.06 0.08 -7.15
CA SER B 262 17.37 -0.12 -7.77
C SER B 262 17.09 -0.88 -9.05
N ASN B 263 18.00 -0.82 -10.00
CA ASN B 263 17.93 -1.69 -11.19
C ASN B 263 17.83 -3.16 -10.85
N THR B 264 18.49 -3.55 -9.78
CA THR B 264 18.43 -4.93 -9.20
C THR B 264 16.97 -5.32 -8.96
N ALA B 265 16.27 -4.53 -8.13
CA ALA B 265 14.85 -4.73 -7.83
C ALA B 265 13.96 -4.62 -9.09
N GLU B 266 14.20 -3.62 -9.94
CA GLU B 266 13.37 -3.47 -11.11
C GLU B 266 13.53 -4.69 -12.06
N TYR B 267 14.75 -5.14 -12.28
CA TYR B 267 14.95 -6.37 -13.10
C TYR B 267 14.15 -7.57 -12.44
N GLY B 268 14.28 -7.67 -11.10
CA GLY B 268 13.65 -8.77 -10.34
C GLY B 268 12.13 -8.69 -10.48
N GLU B 269 11.52 -7.46 -10.33
CA GLU B 269 10.10 -7.22 -10.62
C GLU B 269 9.62 -7.85 -11.91
N TYR B 270 10.30 -7.51 -12.99
CA TYR B 270 9.89 -8.04 -14.33
C TYR B 270 10.05 -9.54 -14.48
N TYR B 271 11.11 -10.06 -13.87
CA TYR B 271 11.44 -11.48 -13.87
C TYR B 271 10.46 -12.33 -13.00
N ALA B 272 10.21 -11.87 -11.75
CA ALA B 272 9.43 -12.61 -10.75
C ALA B 272 7.88 -12.43 -10.82
N GLY B 273 7.39 -11.23 -11.17
CA GLY B 273 5.94 -10.94 -11.43
C GLY B 273 5.14 -12.03 -12.13
N PRO B 274 5.52 -12.40 -13.38
CA PRO B 274 4.74 -13.39 -14.10
C PRO B 274 4.80 -14.75 -13.42
N LYS B 275 5.74 -14.90 -12.48
CA LYS B 275 5.93 -16.20 -11.79
C LYS B 275 5.00 -16.34 -10.62
N VAL B 276 4.85 -15.25 -9.85
CA VAL B 276 4.07 -15.37 -8.67
C VAL B 276 2.63 -15.14 -9.11
N ILE B 277 2.39 -14.16 -9.99
CA ILE B 277 1.04 -13.86 -10.43
C ILE B 277 1.01 -14.53 -11.80
N ASN B 278 0.72 -15.81 -11.78
CA ASN B 278 0.96 -16.63 -12.94
C ASN B 278 -0.26 -16.94 -13.84
N GLU B 279 -0.14 -17.82 -14.86
CA GLU B 279 -1.31 -18.08 -15.71
C GLU B 279 -2.52 -18.66 -14.92
N GLN B 280 -2.27 -19.55 -13.97
CA GLN B 280 -3.32 -19.99 -13.01
C GLN B 280 -3.93 -18.82 -12.15
N SER B 281 -3.11 -17.88 -11.77
CA SER B 281 -3.64 -16.66 -11.09
C SER B 281 -4.60 -15.95 -12.06
N ARG B 282 -4.26 -15.96 -13.35
CA ARG B 282 -5.04 -15.16 -14.32
C ARG B 282 -6.34 -15.83 -14.68
N GLU B 283 -6.29 -17.17 -14.92
CA GLU B 283 -7.48 -17.99 -15.05
C GLU B 283 -8.36 -17.83 -13.77
N ALA B 284 -7.72 -17.89 -12.60
CA ALA B 284 -8.47 -17.78 -11.36
C ALA B 284 -9.28 -16.47 -11.40
N MET B 285 -8.71 -15.39 -11.90
CA MET B 285 -9.40 -14.09 -11.81
C MET B 285 -10.60 -14.10 -12.76
N LYS B 286 -10.45 -14.71 -13.92
CA LYS B 286 -11.60 -14.79 -14.80
C LYS B 286 -12.72 -15.71 -14.28
N GLU B 287 -12.37 -16.77 -13.58
CA GLU B 287 -13.39 -17.61 -13.01
C GLU B 287 -14.06 -16.85 -11.86
N ILE B 288 -13.25 -16.17 -11.06
CA ILE B 288 -13.74 -15.30 -9.97
C ILE B 288 -14.77 -14.28 -10.53
N LEU B 289 -14.42 -13.62 -11.62
CA LEU B 289 -15.33 -12.67 -12.28
C LEU B 289 -16.61 -13.37 -12.80
N LYS B 290 -16.50 -14.56 -13.43
CA LYS B 290 -17.69 -15.30 -13.81
C LYS B 290 -18.64 -15.58 -12.64
N ARG B 291 -18.10 -16.02 -11.50
CA ARG B 291 -18.95 -16.40 -10.36
C ARG B 291 -19.60 -15.17 -9.77
N ILE B 292 -18.99 -14.01 -10.02
CA ILE B 292 -19.58 -12.72 -9.56
C ILE B 292 -20.75 -12.30 -10.45
N GLN B 293 -20.51 -12.42 -11.76
CA GLN B 293 -21.49 -12.01 -12.79
C GLN B 293 -22.70 -12.86 -12.78
N ASP B 294 -22.53 -14.16 -12.51
CA ASP B 294 -23.67 -15.10 -12.57
C ASP B 294 -24.40 -15.27 -11.24
N GLY B 295 -24.04 -14.43 -10.26
CA GLY B 295 -24.64 -14.59 -8.97
C GLY B 295 -24.23 -15.76 -8.12
N SER B 296 -23.35 -16.69 -8.59
CA SER B 296 -23.01 -17.78 -7.69
C SER B 296 -22.25 -17.27 -6.42
N PHE B 297 -21.37 -16.29 -6.61
CA PHE B 297 -20.55 -15.92 -5.51
C PHE B 297 -21.55 -15.39 -4.46
N ALA B 298 -22.49 -14.53 -4.89
CA ALA B 298 -23.53 -13.91 -3.95
C ALA B 298 -24.26 -14.99 -3.15
N GLN B 299 -24.83 -16.01 -3.83
CA GLN B 299 -25.48 -17.10 -3.15
C GLN B 299 -24.58 -17.87 -2.11
N GLU B 300 -23.33 -18.15 -2.47
CA GLU B 300 -22.35 -18.72 -1.53
C GLU B 300 -22.11 -17.85 -0.28
N PHE B 301 -21.97 -16.52 -0.46
CA PHE B 301 -21.74 -15.64 0.68
C PHE B 301 -22.97 -15.59 1.60
N VAL B 302 -24.14 -15.38 1.00
CA VAL B 302 -25.38 -15.42 1.77
C VAL B 302 -25.58 -16.77 2.50
N ASP B 303 -25.32 -17.90 1.82
CA ASP B 303 -25.42 -19.22 2.45
C ASP B 303 -24.49 -19.33 3.69
N ASP B 304 -23.27 -18.78 3.56
CA ASP B 304 -22.31 -18.88 4.62
C ASP B 304 -22.85 -18.01 5.79
N CYS B 305 -23.41 -16.86 5.48
CA CYS B 305 -23.91 -15.99 6.61
C CYS B 305 -25.12 -16.67 7.25
N ASN B 306 -25.92 -17.42 6.49
CA ASN B 306 -27.12 -18.07 7.03
C ASN B 306 -26.72 -19.31 7.83
N ASN B 307 -25.46 -19.70 7.70
CA ASN B 307 -24.95 -20.93 8.24
C ASN B 307 -23.90 -20.64 9.34
N GLY B 308 -24.19 -19.66 10.20
CA GLY B 308 -23.28 -19.31 11.26
C GLY B 308 -22.00 -18.52 10.88
N HIS B 309 -21.98 -17.91 9.69
CA HIS B 309 -20.74 -17.26 9.20
C HIS B 309 -19.62 -18.26 9.29
N LYS B 310 -19.91 -19.53 8.97
CA LYS B 310 -19.02 -20.65 9.32
C LYS B 310 -17.61 -20.51 8.68
N ARG B 311 -17.55 -20.21 7.40
CA ARG B 311 -16.24 -20.10 6.72
C ARG B 311 -15.65 -18.73 7.19
N LEU B 312 -16.41 -17.70 7.07
CA LEU B 312 -15.88 -16.40 7.50
C LEU B 312 -15.16 -16.48 8.81
N LEU B 313 -15.76 -17.16 9.78
CA LEU B 313 -15.22 -16.95 11.18
C LEU B 313 -14.04 -17.90 11.42
N GLU B 314 -14.05 -19.04 10.75
CA GLU B 314 -12.98 -20.00 10.88
C GLU B 314 -11.71 -19.38 10.21
N GLN B 315 -11.85 -18.71 9.07
CA GLN B 315 -10.68 -17.99 8.49
C GLN B 315 -10.23 -16.71 9.21
N ARG B 316 -11.21 -16.00 9.77
CA ARG B 316 -10.91 -14.79 10.47
C ARG B 316 -9.98 -15.10 11.68
N GLU B 317 -10.43 -16.04 12.51
CA GLU B 317 -9.66 -16.57 13.67
C GLU B 317 -8.25 -16.93 13.30
N ALA B 318 -8.12 -17.63 12.17
CA ALA B 318 -6.86 -18.18 11.73
C ALA B 318 -5.88 -17.09 11.29
N ILE B 319 -6.32 -16.14 10.45
CA ILE B 319 -5.40 -15.10 10.01
C ILE B 319 -5.16 -14.11 11.17
N ASN B 320 -6.18 -13.84 11.96
CA ASN B 320 -5.93 -12.94 13.09
C ASN B 320 -4.96 -13.43 14.16
N THR B 321 -4.81 -14.73 14.26
CA THR B 321 -3.83 -15.24 15.23
C THR B 321 -2.57 -15.79 14.54
N HIS B 322 -2.47 -15.57 13.23
CA HIS B 322 -1.30 -16.01 12.46
C HIS B 322 -0.05 -15.28 12.92
N PRO B 323 1.14 -15.95 12.82
CA PRO B 323 2.40 -15.27 13.26
C PRO B 323 2.70 -13.87 12.65
N ILE B 324 2.32 -13.66 11.38
CA ILE B 324 2.39 -12.30 10.73
C ILE B 324 1.64 -11.25 11.56
N GLU B 325 0.51 -11.63 12.15
CA GLU B 325 -0.25 -10.72 13.01
C GLU B 325 0.29 -10.53 14.40
N THR B 326 0.73 -11.60 15.03
CA THR B 326 1.26 -11.50 16.42
C THR B 326 2.61 -10.78 16.43
N THR B 327 3.44 -11.13 15.46
CA THR B 327 4.75 -10.49 15.26
C THR B 327 4.61 -9.05 14.80
N GLY B 328 3.70 -8.80 13.83
CA GLY B 328 3.44 -7.42 13.42
C GLY B 328 2.95 -6.56 14.58
N ALA B 329 2.09 -7.11 15.45
CA ALA B 329 1.53 -6.31 16.56
C ALA B 329 2.67 -5.96 17.54
N GLN B 330 3.54 -6.94 17.81
CA GLN B 330 4.73 -6.67 18.67
C GLN B 330 5.61 -5.59 18.03
N ILE B 331 5.89 -5.74 16.74
CA ILE B 331 6.77 -4.82 16.00
C ILE B 331 6.18 -3.43 15.95
N ARG B 332 4.93 -3.31 15.56
CA ARG B 332 4.35 -1.98 15.51
C ARG B 332 4.28 -1.37 16.86
N SER B 333 4.14 -2.16 17.93
CA SER B 333 4.00 -1.54 19.28
C SER B 333 5.29 -0.77 19.67
N MET B 334 6.41 -1.07 19.00
CA MET B 334 7.67 -0.45 19.38
C MET B 334 8.00 0.80 18.58
N PHE B 335 7.24 1.08 17.51
CA PHE B 335 7.49 2.26 16.65
C PHE B 335 7.52 3.52 17.47
N SER B 336 8.56 4.33 17.29
CA SER B 336 8.63 5.64 17.99
C SER B 336 7.40 6.52 17.67
N TRP B 337 6.79 6.41 16.50
CA TRP B 337 5.58 7.26 16.27
C TRP B 337 4.33 6.74 16.94
N ILE B 338 4.17 5.41 17.04
CA ILE B 338 3.12 4.80 17.88
C ILE B 338 3.32 5.15 19.37
N LYS B 339 4.52 5.01 19.93
CA LYS B 339 4.78 5.45 21.36
C LYS B 339 4.60 6.94 21.53
N LYS B 340 5.02 7.69 20.48
CA LYS B 340 4.84 9.16 20.48
C LYS B 340 3.35 9.44 20.49
N GLU B 341 2.61 8.82 19.57
CA GLU B 341 1.17 9.01 19.51
C GLU B 341 0.44 8.53 20.79
N ASP B 342 0.86 7.38 21.36
CA ASP B 342 0.25 6.87 22.63
C ASP B 342 0.34 7.93 23.73
N LEU B 343 1.48 8.61 23.78
CA LEU B 343 1.74 9.68 24.74
C LEU B 343 0.75 10.84 24.61
N GLU B 344 0.14 10.94 23.42
CA GLU B 344 -0.50 12.20 23.05
C GLU B 344 -1.40 12.96 24.05
PA NAD C . 20.28 4.59 -8.26
O1A NAD C . 19.31 5.62 -7.65
O2A NAD C . 20.10 3.73 -9.49
O5B NAD C . 21.72 5.32 -8.52
C5B NAD C . 21.81 6.57 -9.17
C4B NAD C . 23.03 7.35 -8.67
O4B NAD C . 24.22 6.63 -9.00
C3B NAD C . 23.15 8.67 -9.45
O3B NAD C . 23.82 9.65 -8.63
C2B NAD C . 23.96 8.28 -10.64
O2B NAD C . 24.62 9.41 -11.21
C1B NAD C . 24.97 7.38 -9.97
N9A NAD C . 25.65 6.52 -10.97
C8A NAD C . 25.06 5.73 -11.92
N7A NAD C . 26.00 5.10 -12.65
C5A NAD C . 27.20 5.53 -12.21
C6A NAD C . 28.59 5.27 -12.56
N6A NAD C . 28.91 4.42 -13.57
N1A NAD C . 29.52 5.91 -11.84
C2A NAD C . 29.25 6.75 -10.80
N3A NAD C . 28.00 7.05 -10.42
C4A NAD C . 26.97 6.46 -11.07
O3 NAD C . 20.77 3.69 -6.99
PN NAD C . 19.79 3.24 -5.79
O1N NAD C . 18.65 2.51 -6.46
O2N NAD C . 19.65 4.31 -4.61
O5D NAD C . 20.68 2.06 -5.16
C5D NAD C . 22.02 2.25 -4.62
C4D NAD C . 22.33 1.10 -3.57
O4D NAD C . 21.29 1.06 -2.55
C3D NAD C . 22.34 -0.25 -4.19
O3D NAD C . 23.35 -1.10 -3.62
C2D NAD C . 20.94 -0.74 -3.89
O2D NAD C . 20.84 -2.14 -3.93
C1D NAD C . 20.71 -0.25 -2.52
N1N NAD C . 19.33 -0.01 -2.17
C2N NAD C . 18.48 0.67 -2.99
C3N NAD C . 17.18 0.87 -2.58
C7N NAD C . 16.29 1.74 -3.39
O7N NAD C . 16.45 1.88 -4.59
N7N NAD C . 15.53 2.54 -2.60
C4N NAD C . 16.76 0.40 -1.32
C5N NAD C . 17.65 -0.31 -0.51
C6N NAD C . 18.93 -0.47 -0.95
C1 HIO D . -15.86 -3.53 0.88
O11 HIO D . -16.90 -4.22 0.69
O12 HIO D . -15.46 -3.43 2.05
C2 HIO D . -15.25 -2.82 -0.30
O2 HIO D . -15.95 -2.73 -1.38
N3 HIO D . -14.01 -2.29 -0.26
O3 HIO D . -13.62 -1.25 -1.15
C4 HIO D . -12.95 -2.70 0.64
C41 HIO D . -11.74 -3.29 -0.11
C42 HIO D . -12.71 -1.38 1.43
MG MG E . -15.35 -7.44 7.86
MG MG F . -16.70 -3.37 8.31
MG MG G . 14.92 -3.93 -0.10
MG MG H . 17.14 -4.41 -2.89
C1 HIO I . 15.69 -2.15 -3.88
O11 HIO I . 15.28 -1.19 -4.58
O12 HIO I . 16.62 -2.87 -4.31
C2 HIO I . 15.16 -2.52 -2.52
O2 HIO I . 15.97 -3.10 -1.74
N3 HIO I . 13.93 -2.22 -1.99
O3 HIO I . 13.74 -2.60 -0.64
C4 HIO I . 12.72 -1.60 -2.46
C41 HIO I . 12.86 -0.14 -2.80
C42 HIO I . 11.80 -2.53 -3.29
PA NAD J . -20.07 -2.80 9.02
O1A NAD J . -18.95 -1.78 9.41
O2A NAD J . -19.95 -4.29 8.86
O5B NAD J . -21.44 -2.40 9.73
C5B NAD J . -21.54 -2.57 11.16
C4B NAD J . -22.67 -1.63 11.57
O4B NAD J . -23.95 -2.18 11.18
C3B NAD J . -22.77 -1.42 13.08
O3B NAD J . -23.28 -0.07 13.19
C2B NAD J . -23.80 -2.47 13.51
O2B NAD J . -24.46 -2.32 14.81
C1B NAD J . -24.75 -2.44 12.33
N9A NAD J . -25.43 -3.73 12.25
C8A NAD J . -24.86 -4.97 12.04
N7A NAD J . -25.81 -5.91 12.04
C5A NAD J . -27.02 -5.27 12.24
C6A NAD J . -28.46 -5.64 12.36
N6A NAD J . -28.86 -6.91 12.26
N1A NAD J . -29.38 -4.65 12.57
C2A NAD J . -29.03 -3.36 12.64
N3A NAD J . -27.77 -2.94 12.57
C4A NAD J . -26.76 -3.84 12.37
O3 NAD J . -20.57 -2.42 7.51
PN NAD J . -19.66 -1.77 6.32
O1N NAD J . -18.43 -2.61 6.08
O2N NAD J . -19.52 -0.26 6.67
O5D NAD J . -20.59 -1.96 5.03
C5D NAD J . -21.88 -1.41 4.90
C4D NAD J . -22.22 -1.13 3.46
O4D NAD J . -21.22 -0.32 2.81
C3D NAD J . -22.23 -2.51 2.72
O3D NAD J . -23.32 -2.33 1.79
C2D NAD J . -20.87 -2.59 2.04
O2D NAD J . -20.81 -3.54 0.91
C1D NAD J . -20.64 -1.11 1.70
N1N NAD J . -19.22 -0.75 1.49
C2N NAD J . -18.35 -0.90 2.53
C3N NAD J . -17.05 -0.52 2.38
C7N NAD J . -16.12 -0.70 3.56
O7N NAD J . -16.37 -1.43 4.52
N7N NAD J . -15.04 0.00 3.52
C4N NAD J . -16.63 0.05 1.16
C5N NAD J . -17.54 0.27 0.12
C6N NAD J . -18.86 -0.17 0.33
N HIS K . -2.42 10.20 23.95
CA HIS K . -3.63 9.63 24.59
C HIS K . -4.83 9.93 23.76
O HIS K . -4.67 10.00 22.52
CB HIS K . -3.75 10.11 26.05
CG HIS K . -2.74 9.45 26.95
ND1 HIS K . -1.55 10.02 27.25
CD2 HIS K . -2.73 8.17 27.54
CE1 HIS K . -0.83 9.17 28.01
NE2 HIS K . -1.55 8.03 28.19
MG MG L . 15.32 1.22 -11.20
MG MG M . -38.75 9.14 5.69
MG MG N . 16.85 4.00 -8.05
MG MG O . -14.97 -1.70 -2.98
MG MG P . -21.13 1.05 8.29
MG MG Q . -17.23 -4.40 -1.61
#